data_7WHU
#
_entry.id   7WHU
#
_cell.length_a   57.242
_cell.length_b   68.914
_cell.length_c   130.851
_cell.angle_alpha   90.00
_cell.angle_beta   89.90
_cell.angle_gamma   90.00
#
_symmetry.space_group_name_H-M   'P 1 2 1'
#
loop_
_entity.id
_entity.type
_entity.pdbx_description
1 polymer 'Neutrophil elastase'
2 polymer 'Ecotin Peptide'
3 branched 2-acetamido-2-deoxy-beta-D-glucopyranose-(1-4)-[alpha-L-fucopyranose-(1-6)]2-acetamido-2-deoxy-beta-D-glucopyranose
4 branched alpha-L-fucopyranose-(1-6)-2-acetamido-2-deoxy-beta-D-glucopyranose
5 branched beta-D-mannopyranose-(1-4)-2-acetamido-2-deoxy-beta-D-glucopyranose-(1-4)-[alpha-L-fucopyranose-(1-6)]2-acetamido-2-deoxy-beta-D-glucopyranose
6 branched 2-acetamido-2-deoxy-beta-D-glucopyranose-(1-4)-2-acetamido-2-deoxy-beta-D-glucopyranose
7 branched alpha-L-fucopyranose-(1-3)-[2-acetamido-2-deoxy-beta-D-glucopyranose-(1-4)]2-acetamido-2-deoxy-beta-D-glucopyranose
8 non-polymer GLYCEROL
9 non-polymer 'SULFATE ION'
10 water water
#
loop_
_entity_poly.entity_id
_entity_poly.type
_entity_poly.pdbx_seq_one_letter_code
_entity_poly.pdbx_strand_id
1 'polypeptide(L)'
;MTLGRRLACLFLACVLPALLLGGTALASEIVGGRRARPHAWPFMVSLQLRGGHFCGATLIAPNFVMSAAHCVANVNVRAV
RVVLGAHNLSRREPTRQVFAVQRIFENGYDPVNLLNDIVILQLNGSATINANVQVAQLPAQGRRLGNGVQCLAMGWGLLG
RNRGIASVLQELNVTVVTSLCRRSNVCTLVRGRQAGVCFGDSGSPLVCNGLIHGIASFVRGGCASGLYPDAFAPVAQFVN
WIDSIIQRSEDNPCPHPRDPDPASRTH
;
D,A,B,C
2 'polypeptide(L)' VSSPVSTM E,F,G,H
#
# COMPACT_ATOMS: atom_id res chain seq x y z
N ILE A 30 -3.73 -30.06 19.93
CA ILE A 30 -3.78 -29.60 21.31
C ILE A 30 -4.61 -30.55 22.18
N VAL A 31 -4.01 -31.09 23.25
CA VAL A 31 -4.72 -31.96 24.17
C VAL A 31 -5.24 -31.14 25.34
N GLY A 32 -6.52 -31.32 25.67
CA GLY A 32 -7.08 -30.66 26.84
C GLY A 32 -7.31 -29.17 26.67
N GLY A 33 -7.65 -28.73 25.47
CA GLY A 33 -7.79 -27.31 25.19
C GLY A 33 -9.21 -26.97 24.81
N ARG A 34 -9.43 -25.74 24.35
CA ARG A 34 -10.75 -25.26 23.96
C ARG A 34 -10.73 -24.82 22.50
N ARG A 35 -11.88 -24.95 21.85
CA ARG A 35 -12.05 -24.44 20.50
C ARG A 35 -11.72 -22.96 20.47
N ALA A 36 -11.16 -22.51 19.35
CA ALA A 36 -10.85 -21.11 19.14
C ALA A 36 -12.07 -20.37 18.61
N ARG A 37 -12.09 -19.07 18.81
CA ARG A 37 -13.18 -18.29 18.24
C ARG A 37 -12.96 -18.19 16.75
N PRO A 38 -14.05 -18.18 15.94
CA PRO A 38 -13.89 -18.17 14.47
C PRO A 38 -12.86 -17.17 13.98
N HIS A 39 -11.73 -17.68 13.49
CA HIS A 39 -10.67 -16.87 12.90
C HIS A 39 -10.21 -15.78 13.86
N ALA A 40 -10.12 -16.14 15.14
CA ALA A 40 -9.58 -15.22 16.14
C ALA A 40 -8.09 -15.02 15.95
N TRP A 41 -7.42 -15.93 15.26
CA TRP A 41 -5.97 -15.90 15.05
C TRP A 41 -5.75 -16.01 13.56
N PRO A 42 -5.96 -14.92 12.82
CA PRO A 42 -5.90 -14.96 11.36
C PRO A 42 -4.52 -15.23 10.77
N PHE A 43 -3.49 -15.41 11.61
CA PHE A 43 -2.18 -15.84 11.14
C PHE A 43 -2.01 -17.35 11.17
N MET A 44 -3.05 -18.09 11.52
CA MET A 44 -2.94 -19.53 11.68
C MET A 44 -3.03 -20.24 10.32
N VAL A 45 -2.02 -21.06 10.03
CA VAL A 45 -1.82 -21.70 8.73
C VAL A 45 -1.89 -23.21 8.89
N SER A 46 -2.48 -23.89 7.90
CA SER A 46 -2.53 -25.34 7.84
C SER A 46 -1.64 -25.83 6.71
N LEU A 47 -0.60 -26.58 7.05
CA LEU A 47 0.21 -27.24 6.03
C LEU A 47 -0.42 -28.59 5.75
N GLN A 48 -0.88 -28.79 4.52
CA GLN A 48 -1.55 -30.03 4.14
C GLN A 48 -0.79 -30.73 3.02
N LEU A 49 -0.81 -32.06 3.05
CA LEU A 49 -0.16 -32.85 2.01
C LEU A 49 -1.18 -33.41 1.04
N ARG A 50 -1.89 -34.48 1.41
CA ARG A 50 -2.92 -34.98 0.51
C ARG A 50 -4.12 -34.03 0.53
N GLY A 51 -4.98 -34.20 1.52
CA GLY A 51 -6.06 -33.29 1.80
C GLY A 51 -6.18 -33.21 3.30
N GLY A 52 -5.26 -33.89 3.99
CA GLY A 52 -5.26 -33.97 5.43
C GLY A 52 -4.19 -33.07 6.02
N HIS A 53 -4.52 -32.46 7.16
CA HIS A 53 -3.56 -31.67 7.90
C HIS A 53 -2.44 -32.55 8.43
N PHE A 54 -1.21 -32.02 8.38
CA PHE A 54 -0.09 -32.68 9.04
C PHE A 54 0.82 -31.74 9.83
N CYS A 55 0.80 -30.43 9.57
CA CYS A 55 1.54 -29.50 10.40
C CYS A 55 0.90 -28.12 10.29
N GLY A 56 1.10 -27.31 11.32
CA GLY A 56 0.62 -25.94 11.33
C GLY A 56 1.75 -24.98 11.08
N ALA A 57 1.40 -23.72 10.87
CA ALA A 57 2.40 -22.73 10.52
C ALA A 57 1.91 -21.36 10.89
N THR A 58 2.71 -20.34 10.56
CA THR A 58 2.49 -18.98 11.00
C THR A 58 2.83 -18.05 9.84
N LEU A 59 1.89 -17.18 9.48
CA LEU A 59 2.09 -16.20 8.41
C LEU A 59 2.85 -15.00 8.97
N ILE A 60 4.10 -14.83 8.54
CA ILE A 60 4.92 -13.73 9.00
C ILE A 60 5.07 -12.65 7.95
N ALA A 61 4.61 -12.90 6.73
CA ALA A 61 4.61 -11.94 5.64
C ALA A 61 3.60 -12.43 4.62
N PRO A 62 3.09 -11.54 3.76
CA PRO A 62 2.09 -11.99 2.79
C PRO A 62 2.53 -13.17 1.95
N ASN A 63 3.84 -13.29 1.68
CA ASN A 63 4.37 -14.37 0.87
C ASN A 63 5.34 -15.28 1.64
N PHE A 64 5.24 -15.34 2.96
CA PHE A 64 6.15 -16.14 3.77
C PHE A 64 5.39 -16.89 4.86
N VAL A 65 5.87 -18.08 5.19
CA VAL A 65 5.30 -18.93 6.23
C VAL A 65 6.42 -19.53 7.08
N MET A 66 6.20 -19.59 8.39
CA MET A 66 7.18 -20.09 9.34
C MET A 66 6.61 -21.32 10.03
N SER A 67 7.39 -22.40 10.08
CA SER A 67 6.91 -23.64 10.67
C SER A 67 8.10 -24.45 11.21
N ALA A 68 7.92 -25.75 11.33
CA ALA A 68 8.91 -26.65 11.91
C ALA A 68 9.62 -27.44 10.82
N ALA A 69 10.94 -27.59 10.98
CA ALA A 69 11.75 -28.21 9.94
C ALA A 69 11.42 -29.68 9.74
N HIS A 70 11.06 -30.41 10.80
CA HIS A 70 10.74 -31.82 10.60
C HIS A 70 9.40 -32.00 9.92
N CYS A 71 8.58 -30.94 9.86
CA CYS A 71 7.33 -31.03 9.14
C CYS A 71 7.55 -31.21 7.64
N VAL A 72 8.72 -30.84 7.14
CA VAL A 72 9.05 -30.98 5.73
C VAL A 72 10.25 -31.89 5.53
N ALA A 73 10.62 -32.68 6.54
CA ALA A 73 11.89 -33.42 6.48
C ALA A 73 11.83 -34.53 5.45
N ASN A 74 10.87 -35.43 5.58
CA ASN A 74 10.67 -36.50 4.61
C ASN A 74 9.26 -36.34 4.05
N VAL A 75 9.07 -35.28 3.28
CA VAL A 75 7.82 -35.00 2.58
C VAL A 75 8.21 -34.35 1.27
N ASN A 76 7.35 -34.47 0.26
CA ASN A 76 7.63 -33.84 -1.03
C ASN A 76 7.01 -32.45 -0.98
N VAL A 77 7.82 -31.48 -0.55
CA VAL A 77 7.40 -30.09 -0.38
C VAL A 77 6.69 -29.58 -1.62
N ARG A 78 7.01 -30.15 -2.78
CA ARG A 78 6.27 -29.87 -4.02
C ARG A 78 4.78 -30.03 -3.84
N ALA A 79 4.37 -31.02 -3.04
CA ALA A 79 2.98 -31.40 -2.91
C ALA A 79 2.26 -30.72 -1.74
N VAL A 80 2.97 -29.96 -0.91
CA VAL A 80 2.35 -29.33 0.26
C VAL A 80 1.60 -28.10 -0.18
N ARG A 81 0.33 -28.02 0.21
CA ARG A 81 -0.50 -26.85 0.01
C ARG A 81 -0.55 -26.05 1.32
N VAL A 82 -0.29 -24.75 1.24
CA VAL A 82 -0.19 -23.89 2.41
C VAL A 82 -1.55 -23.22 2.57
N VAL A 83 -2.44 -23.88 3.31
CA VAL A 83 -3.80 -23.40 3.55
C VAL A 83 -3.78 -22.31 4.61
N LEU A 84 -4.43 -21.17 4.34
CA LEU A 84 -4.45 -20.04 5.25
C LEU A 84 -5.86 -19.51 5.44
N GLY A 85 -6.11 -18.91 6.60
CA GLY A 85 -7.40 -18.32 6.90
C GLY A 85 -8.46 -19.39 7.05
N ALA A 86 -8.22 -20.32 7.96
CA ALA A 86 -9.06 -21.51 8.11
C ALA A 86 -9.64 -21.61 9.51
N HIS A 87 -10.65 -22.47 9.64
CA HIS A 87 -11.33 -22.68 10.90
C HIS A 87 -11.64 -24.15 11.11
N ASN A 88 -12.52 -24.70 10.29
CA ASN A 88 -12.86 -26.12 10.34
C ASN A 88 -12.36 -26.76 9.06
N LEU A 89 -11.27 -27.52 9.16
CA LEU A 89 -10.69 -28.16 8.00
C LEU A 89 -11.45 -29.37 7.56
N SER A 90 -12.69 -29.53 8.01
CA SER A 90 -13.46 -30.67 7.55
C SER A 90 -14.39 -30.35 6.39
N ARG A 91 -14.66 -29.09 6.09
CA ARG A 91 -14.92 -28.80 4.69
C ARG A 91 -14.36 -27.46 4.27
N ARG A 92 -14.58 -27.23 2.98
CA ARG A 92 -14.15 -26.06 2.24
C ARG A 92 -14.81 -24.77 2.70
N GLU A 93 -13.99 -23.73 2.81
CA GLU A 93 -14.37 -22.40 3.28
C GLU A 93 -13.88 -21.44 2.20
N PRO A 94 -14.77 -20.69 1.55
CA PRO A 94 -14.30 -19.75 0.51
C PRO A 94 -13.41 -18.63 1.04
N THR A 95 -13.29 -18.48 2.37
CA THR A 95 -12.39 -17.49 2.94
C THR A 95 -10.96 -18.01 3.01
N ARG A 96 -10.75 -19.31 2.81
CA ARG A 96 -9.45 -19.95 2.88
C ARG A 96 -8.64 -19.64 1.62
N GLN A 97 -7.34 -19.41 1.79
CA GLN A 97 -6.43 -19.13 0.68
C GLN A 97 -5.29 -20.14 0.67
N VAL A 98 -5.34 -21.05 -0.30
CA VAL A 98 -4.34 -22.11 -0.46
C VAL A 98 -3.17 -21.63 -1.30
N PHE A 99 -1.94 -21.92 -0.83
CA PHE A 99 -0.71 -21.54 -1.52
C PHE A 99 0.24 -22.75 -1.61
N ALA A 100 1.31 -22.59 -2.37
CA ALA A 100 2.32 -23.61 -2.56
C ALA A 100 3.69 -23.05 -2.19
N VAL A 101 4.63 -23.97 -1.91
CA VAL A 101 5.95 -23.57 -1.43
C VAL A 101 6.84 -23.21 -2.61
N GLN A 102 7.41 -22.01 -2.58
CA GLN A 102 8.37 -21.60 -3.59
C GLN A 102 9.79 -21.91 -3.12
N ARG A 103 10.23 -21.31 -2.01
CA ARG A 103 11.59 -21.50 -1.56
C ARG A 103 11.59 -21.95 -0.10
N ILE A 104 12.53 -22.84 0.23
CA ILE A 104 12.65 -23.45 1.55
C ILE A 104 13.97 -23.00 2.14
N PHE A 105 13.91 -22.32 3.29
CA PHE A 105 15.10 -21.90 4.00
C PHE A 105 15.21 -22.64 5.33
N GLU A 106 16.42 -23.10 5.66
CA GLU A 106 16.68 -23.70 6.96
C GLU A 106 18.03 -23.19 7.48
N ASN A 107 18.08 -22.88 8.77
CA ASN A 107 19.31 -22.41 9.42
C ASN A 107 20.02 -23.48 10.26
N GLY A 108 20.19 -24.67 9.74
CA GLY A 108 20.86 -25.70 10.50
C GLY A 108 19.95 -26.52 11.39
N TYR A 109 19.03 -27.25 10.76
CA TYR A 109 18.16 -28.15 11.49
C TYR A 109 18.95 -29.38 11.91
N ASP A 110 18.89 -29.72 13.19
CA ASP A 110 19.59 -30.92 13.64
C ASP A 110 18.54 -31.99 13.72
N PRO A 111 18.35 -32.83 12.70
CA PRO A 111 17.23 -33.76 12.72
C PRO A 111 17.27 -34.76 13.86
N VAL A 112 18.43 -35.08 14.40
CA VAL A 112 18.51 -36.06 15.48
C VAL A 112 18.35 -35.41 16.85
N ASN A 113 19.02 -34.29 17.07
CA ASN A 113 18.90 -33.60 18.36
C ASN A 113 17.72 -32.66 18.40
N LEU A 114 16.98 -32.53 17.30
CA LEU A 114 15.83 -31.65 17.16
C LEU A 114 16.19 -30.22 17.55
N LEU A 115 17.40 -29.81 17.18
CA LEU A 115 17.83 -28.43 17.36
C LEU A 115 17.49 -27.60 16.13
N ASN A 116 17.23 -26.32 16.37
CA ASN A 116 16.92 -25.34 15.33
C ASN A 116 15.84 -25.85 14.37
N ASP A 117 14.72 -26.31 14.94
CA ASP A 117 13.61 -26.85 14.19
C ASP A 117 12.73 -25.73 13.60
N ILE A 118 13.35 -24.86 12.82
CA ILE A 118 12.65 -23.73 12.19
C ILE A 118 12.88 -23.78 10.70
N VAL A 119 11.86 -23.44 9.94
CA VAL A 119 11.92 -23.36 8.48
C VAL A 119 11.10 -22.17 8.03
N ILE A 120 11.59 -21.45 7.03
CA ILE A 120 10.87 -20.34 6.41
C ILE A 120 10.48 -20.80 5.01
N LEU A 121 9.18 -20.80 4.71
CA LEU A 121 8.65 -21.25 3.44
C LEU A 121 8.21 -20.04 2.62
N GLN A 122 8.80 -19.86 1.45
CA GLN A 122 8.40 -18.78 0.56
C GLN A 122 7.16 -19.16 -0.24
N LEU A 123 6.28 -18.18 -0.42
CA LEU A 123 5.01 -18.39 -1.09
C LEU A 123 5.08 -17.93 -2.54
N ASN A 124 4.95 -18.90 -3.44
CA ASN A 124 4.07 -18.86 -4.59
C ASN A 124 3.49 -17.50 -4.96
N GLY A 125 2.81 -16.86 -4.03
CA GLY A 125 2.28 -15.54 -4.26
C GLY A 125 2.06 -14.82 -2.94
N SER A 126 1.28 -13.75 -2.99
CA SER A 126 1.00 -12.94 -1.82
C SER A 126 -0.45 -13.12 -1.39
N ALA A 127 -0.68 -13.12 -0.09
CA ALA A 127 -2.00 -13.37 0.46
C ALA A 127 -2.74 -12.05 0.65
N THR A 128 -4.06 -12.11 0.55
CA THR A 128 -4.89 -10.93 0.77
C THR A 128 -5.01 -10.74 2.28
N ILE A 129 -4.42 -9.65 2.79
CA ILE A 129 -4.55 -9.36 4.21
C ILE A 129 -6.00 -8.94 4.46
N ASN A 130 -6.83 -9.92 4.79
CA ASN A 130 -8.23 -9.69 5.11
C ASN A 130 -8.39 -9.58 6.62
N ALA A 131 -9.61 -9.70 7.09
CA ALA A 131 -9.83 -9.90 8.50
C ALA A 131 -9.54 -11.34 8.89
N ASN A 132 -9.57 -12.26 7.92
CA ASN A 132 -9.31 -13.67 8.15
C ASN A 132 -7.85 -14.05 7.94
N VAL A 133 -7.06 -13.19 7.31
CA VAL A 133 -5.66 -13.44 7.03
C VAL A 133 -4.90 -12.20 7.41
N GLN A 134 -3.97 -12.34 8.35
CA GLN A 134 -3.14 -11.23 8.82
C GLN A 134 -1.75 -11.74 9.05
N VAL A 135 -0.82 -10.80 9.19
CA VAL A 135 0.60 -11.10 9.34
C VAL A 135 0.91 -11.08 10.83
N ALA A 136 1.29 -12.24 11.37
CA ALA A 136 1.76 -12.30 12.74
C ALA A 136 3.09 -11.56 12.89
N GLN A 137 3.42 -11.24 14.12
CA GLN A 137 4.65 -10.50 14.39
C GLN A 137 5.51 -11.29 15.37
N LEU A 138 6.81 -11.01 15.33
CA LEU A 138 7.82 -11.73 16.08
C LEU A 138 8.47 -10.78 17.08
N PRO A 139 9.15 -11.30 18.07
CA PRO A 139 9.89 -10.45 19.00
C PRO A 139 11.24 -10.07 18.42
N ALA A 140 12.02 -9.35 19.21
CA ALA A 140 13.37 -8.98 18.79
C ALA A 140 14.34 -10.13 19.03
N GLN A 141 15.46 -10.07 18.32
CA GLN A 141 16.52 -11.06 18.50
C GLN A 141 17.11 -10.95 19.91
N GLY A 142 17.03 -12.04 20.66
CA GLY A 142 17.61 -12.10 21.98
C GLY A 142 16.62 -12.04 23.13
N ARG A 143 15.35 -11.78 22.84
CA ARG A 143 14.29 -11.69 23.84
C ARG A 143 14.03 -13.05 24.46
N ARG A 144 14.35 -13.19 25.75
CA ARG A 144 14.14 -14.43 26.50
C ARG A 144 12.99 -14.24 27.47
N LEU A 145 11.99 -15.12 27.38
CA LEU A 145 10.90 -15.15 28.35
C LEU A 145 11.29 -16.04 29.51
N GLY A 146 11.07 -15.56 30.73
CA GLY A 146 11.38 -16.36 31.90
C GLY A 146 10.23 -17.28 32.28
N ASN A 147 10.48 -18.13 33.25
CA ASN A 147 9.41 -18.93 33.84
C ASN A 147 8.36 -18.02 34.44
N GLY A 148 7.09 -18.38 34.24
CA GLY A 148 5.97 -17.65 34.78
C GLY A 148 5.18 -16.87 33.75
N VAL A 149 5.78 -16.62 32.59
CA VAL A 149 5.13 -15.86 31.53
C VAL A 149 3.98 -16.69 30.97
N GLN A 150 2.82 -16.06 30.80
CA GLN A 150 1.63 -16.75 30.33
C GLN A 150 1.62 -16.67 28.80
N CYS A 151 1.56 -17.81 28.15
CA CYS A 151 1.58 -17.89 26.70
C CYS A 151 0.33 -18.61 26.22
N LEU A 152 0.20 -18.74 24.91
CA LEU A 152 -0.96 -19.40 24.33
C LEU A 152 -0.52 -20.24 23.16
N ALA A 153 -0.91 -21.51 23.16
CA ALA A 153 -0.58 -22.41 22.07
C ALA A 153 -1.83 -22.72 21.25
N MET A 154 -1.60 -23.10 20.00
CA MET A 154 -2.68 -23.41 19.09
C MET A 154 -2.22 -24.49 18.14
N GLY A 155 -3.17 -25.10 17.45
CA GLY A 155 -2.88 -26.06 16.41
C GLY A 155 -4.07 -26.91 16.08
N TRP A 156 -4.03 -27.52 14.90
CA TRP A 156 -5.06 -28.47 14.48
C TRP A 156 -4.67 -29.91 14.78
N GLY A 157 -3.77 -30.13 15.74
CA GLY A 157 -3.23 -31.44 16.04
C GLY A 157 -4.28 -32.29 16.74
N LEU A 158 -3.82 -33.42 17.28
CA LEU A 158 -4.73 -34.40 17.87
C LEU A 158 -5.59 -33.71 18.92
N LEU A 159 -6.89 -34.07 18.94
CA LEU A 159 -7.90 -33.32 19.68
C LEU A 159 -7.86 -33.55 21.19
N GLY A 160 -7.09 -34.51 21.67
CA GLY A 160 -7.07 -34.68 23.10
C GLY A 160 -6.91 -36.15 23.43
N ARG A 161 -7.56 -36.56 24.51
CA ARG A 161 -7.47 -37.94 24.93
C ARG A 161 -8.14 -38.83 23.90
N ASN A 162 -9.46 -38.80 23.86
CA ASN A 162 -10.20 -39.41 22.77
C ASN A 162 -10.28 -38.44 21.59
N ARG A 163 -10.64 -38.99 20.42
CA ARG A 163 -10.85 -38.25 19.19
C ARG A 163 -9.55 -37.69 18.63
N GLY A 164 -9.32 -37.94 17.34
CA GLY A 164 -8.04 -37.65 16.70
C GLY A 164 -7.83 -36.23 16.24
N ILE A 165 -7.31 -36.08 15.02
CA ILE A 165 -6.91 -34.76 14.54
C ILE A 165 -8.07 -33.80 14.67
N ALA A 166 -7.75 -32.56 15.03
CA ALA A 166 -8.78 -31.57 15.31
C ALA A 166 -9.37 -31.04 14.02
N SER A 167 -10.70 -31.05 13.95
CA SER A 167 -11.38 -30.45 12.81
C SER A 167 -11.45 -28.93 12.94
N VAL A 168 -11.44 -28.41 14.15
CA VAL A 168 -11.58 -26.98 14.42
C VAL A 168 -10.37 -26.54 15.22
N LEU A 169 -9.77 -25.41 14.81
CA LEU A 169 -8.57 -24.89 15.47
C LEU A 169 -8.78 -24.85 16.97
N GLN A 170 -7.72 -25.17 17.71
CA GLN A 170 -7.82 -25.34 19.15
C GLN A 170 -6.82 -24.45 19.87
N GLU A 171 -7.21 -24.02 21.07
CA GLU A 171 -6.50 -23.04 21.86
C GLU A 171 -6.12 -23.65 23.21
N LEU A 172 -5.10 -23.08 23.84
CA LEU A 172 -4.66 -23.57 25.15
C LEU A 172 -3.76 -22.56 25.87
N ASN A 173 -4.20 -22.10 27.05
CA ASN A 173 -3.37 -21.21 27.85
C ASN A 173 -2.22 -21.98 28.48
N VAL A 174 -1.01 -21.45 28.34
CA VAL A 174 0.19 -22.13 28.80
C VAL A 174 1.11 -21.12 29.50
N THR A 175 2.10 -21.66 30.22
CA THR A 175 3.07 -20.88 30.99
C THR A 175 4.46 -21.41 30.74
N VAL A 176 5.41 -20.50 30.51
CA VAL A 176 6.80 -20.85 30.25
C VAL A 176 7.44 -21.50 31.47
N VAL A 177 8.27 -22.52 31.22
CA VAL A 177 9.07 -23.20 32.24
C VAL A 177 10.51 -23.25 31.76
N THR A 178 11.45 -23.15 32.71
CA THR A 178 12.87 -23.31 32.43
C THR A 178 13.42 -24.65 32.90
N SER A 179 12.81 -25.23 33.93
CA SER A 179 13.17 -26.55 34.44
C SER A 179 12.83 -27.66 33.46
N LEU A 180 13.76 -28.60 33.30
CA LEU A 180 13.59 -29.76 32.43
C LEU A 180 13.46 -29.31 30.98
N CYS A 181 14.38 -28.44 30.59
CA CYS A 181 14.33 -27.79 29.29
C CYS A 181 15.73 -27.31 28.95
N ARG A 182 15.87 -26.87 27.71
CA ARG A 182 17.13 -26.32 27.22
C ARG A 182 16.85 -24.90 26.76
N ARG A 183 17.82 -23.99 26.95
CA ARG A 183 17.66 -22.69 26.31
C ARG A 183 17.71 -22.81 24.79
N SER A 184 18.10 -23.98 24.27
CA SER A 184 17.99 -24.21 22.84
C SER A 184 16.54 -24.42 22.45
N ASN A 185 15.64 -24.31 23.42
CA ASN A 185 14.20 -24.37 23.23
C ASN A 185 13.57 -23.32 24.14
N VAL A 186 12.27 -23.09 23.94
CA VAL A 186 11.41 -22.49 24.93
C VAL A 186 10.37 -23.54 25.28
N CYS A 187 10.20 -23.79 26.57
CA CYS A 187 9.38 -24.90 27.02
C CYS A 187 8.09 -24.41 27.67
N THR A 188 7.12 -25.29 27.67
CA THR A 188 5.80 -24.94 28.16
C THR A 188 5.21 -26.10 28.92
N LEU A 189 4.62 -25.80 30.08
CA LEU A 189 3.87 -26.78 30.86
C LEU A 189 2.57 -26.15 31.32
N VAL A 190 1.53 -26.96 31.41
CA VAL A 190 0.30 -26.58 32.09
C VAL A 190 0.25 -27.31 33.41
N ARG A 191 0.18 -26.55 34.49
CA ARG A 191 0.26 -27.10 35.84
C ARG A 191 -1.15 -27.34 36.38
N GLY A 192 -1.37 -28.55 36.90
CA GLY A 192 -2.65 -28.94 37.46
C GLY A 192 -3.56 -29.72 36.54
N ARG A 193 -3.16 -29.94 35.29
CA ARG A 193 -3.91 -30.79 34.37
C ARG A 193 -2.94 -31.38 33.37
N GLN A 194 -3.34 -32.51 32.77
CA GLN A 194 -2.59 -33.12 31.69
C GLN A 194 -3.07 -32.51 30.38
N ALA A 195 -2.31 -31.53 29.87
CA ALA A 195 -2.67 -30.83 28.65
C ALA A 195 -1.40 -30.33 27.97
N GLY A 196 -1.50 -30.12 26.66
CA GLY A 196 -0.37 -29.65 25.89
C GLY A 196 -0.46 -30.09 24.45
N VAL A 197 0.58 -29.73 23.68
CA VAL A 197 0.59 -29.97 22.25
C VAL A 197 0.83 -31.45 21.96
N CYS A 198 0.20 -31.95 20.89
CA CYS A 198 0.33 -33.33 20.46
C CYS A 198 0.57 -33.34 18.95
N PHE A 199 0.61 -34.55 18.38
CA PHE A 199 0.97 -34.73 16.97
C PHE A 199 0.05 -33.95 16.05
N GLY A 200 0.65 -33.32 15.04
CA GLY A 200 -0.05 -32.44 14.14
C GLY A 200 0.02 -30.97 14.52
N ASP A 201 0.47 -30.66 15.72
CA ASP A 201 0.64 -29.27 16.12
C ASP A 201 2.02 -28.72 15.79
N SER A 202 2.90 -29.54 15.26
CA SER A 202 4.27 -29.10 15.04
C SER A 202 4.32 -27.99 13.99
N GLY A 203 5.10 -26.96 14.28
CA GLY A 203 5.16 -25.78 13.45
C GLY A 203 4.17 -24.69 13.82
N SER A 204 3.19 -24.99 14.66
CA SER A 204 2.24 -23.99 15.12
C SER A 204 2.89 -23.04 16.11
N PRO A 205 2.39 -21.80 16.19
CA PRO A 205 3.08 -20.78 16.97
C PRO A 205 2.77 -20.85 18.46
N LEU A 206 3.66 -20.21 19.22
CA LEU A 206 3.42 -19.91 20.62
C LEU A 206 3.30 -18.39 20.74
N VAL A 207 2.09 -17.92 21.00
CA VAL A 207 1.86 -16.49 21.16
C VAL A 207 2.09 -16.11 22.62
N CYS A 208 2.97 -15.13 22.84
CA CYS A 208 3.24 -14.59 24.16
C CYS A 208 3.21 -13.07 24.05
N ASN A 209 2.19 -12.46 24.66
CA ASN A 209 2.00 -11.01 24.59
C ASN A 209 1.95 -10.53 23.15
N GLY A 210 1.14 -11.19 22.33
CA GLY A 210 0.98 -10.82 20.95
C GLY A 210 2.22 -11.00 20.11
N LEU A 211 3.17 -11.82 20.57
CA LEU A 211 4.42 -12.09 19.88
C LEU A 211 4.64 -13.59 19.72
N ILE A 212 5.18 -13.98 18.57
CA ILE A 212 5.43 -15.39 18.24
C ILE A 212 6.80 -15.75 18.82
N HIS A 213 6.79 -16.50 19.93
CA HIS A 213 8.02 -16.85 20.63
C HIS A 213 8.44 -18.30 20.44
N GLY A 214 7.52 -19.17 20.02
CA GLY A 214 7.83 -20.58 19.91
C GLY A 214 7.26 -21.18 18.63
N ILE A 215 7.86 -22.28 18.23
CA ILE A 215 7.38 -23.14 17.14
C ILE A 215 7.34 -24.56 17.67
N ALA A 216 6.17 -25.19 17.62
CA ALA A 216 5.99 -26.51 18.20
C ALA A 216 6.93 -27.54 17.59
N SER A 217 7.91 -27.98 18.35
CA SER A 217 8.90 -28.94 17.87
C SER A 217 8.58 -30.37 18.31
N PHE A 218 8.69 -30.66 19.61
CA PHE A 218 8.57 -32.02 20.08
C PHE A 218 8.02 -32.04 21.50
N VAL A 219 7.47 -33.20 21.87
CA VAL A 219 7.09 -33.52 23.24
C VAL A 219 8.04 -34.59 23.77
N ARG A 220 8.04 -34.76 25.09
CA ARG A 220 8.80 -35.82 25.74
C ARG A 220 7.85 -36.73 26.50
N GLY A 221 8.10 -38.04 26.41
CA GLY A 221 7.34 -39.09 27.06
C GLY A 221 5.93 -39.28 26.53
N GLY A 222 5.37 -38.22 25.96
CA GLY A 222 4.00 -38.21 25.51
C GLY A 222 3.42 -36.82 25.62
N CYS A 223 2.28 -36.64 24.94
CA CYS A 223 1.75 -35.31 24.65
C CYS A 223 1.36 -34.56 25.91
N ALA A 224 0.32 -34.99 26.60
CA ALA A 224 -0.06 -34.39 27.87
C ALA A 224 0.38 -35.35 28.96
N SER A 225 1.67 -35.30 29.28
CA SER A 225 2.23 -36.24 30.24
C SER A 225 2.15 -35.69 31.64
N GLY A 226 2.24 -34.37 31.78
CA GLY A 226 2.17 -33.71 33.05
C GLY A 226 3.47 -33.62 33.80
N LEU A 227 4.47 -34.40 33.40
CA LEU A 227 5.81 -34.37 34.00
C LEU A 227 6.89 -33.77 33.12
N TYR A 228 6.86 -34.01 31.81
CA TYR A 228 7.90 -33.49 30.93
C TYR A 228 7.37 -32.26 30.23
N PRO A 229 8.12 -31.16 30.16
CA PRO A 229 7.60 -29.95 29.50
C PRO A 229 7.60 -30.09 28.00
N ASP A 230 6.55 -29.55 27.37
CA ASP A 230 6.45 -29.50 25.92
C ASP A 230 7.45 -28.49 25.38
N ALA A 231 8.14 -28.86 24.30
CA ALA A 231 9.25 -28.06 23.78
C ALA A 231 8.82 -27.32 22.53
N PHE A 232 9.15 -26.03 22.49
CA PHE A 232 8.89 -25.18 21.33
C PHE A 232 10.21 -24.74 20.72
N ALA A 233 10.21 -24.47 19.42
CA ALA A 233 11.40 -23.97 18.77
C ALA A 233 11.61 -22.50 19.13
N PRO A 234 12.82 -22.11 19.51
CA PRO A 234 13.03 -20.77 20.08
C PRO A 234 13.13 -19.65 19.06
N VAL A 235 11.98 -19.07 18.70
CA VAL A 235 11.93 -18.10 17.60
C VAL A 235 12.90 -16.95 17.81
N ALA A 236 13.00 -16.45 19.04
CA ALA A 236 13.77 -15.23 19.30
C ALA A 236 15.26 -15.39 18.98
N GLN A 237 15.76 -16.62 18.94
CA GLN A 237 17.16 -16.86 18.62
C GLN A 237 17.47 -16.75 17.12
N PHE A 238 16.45 -16.68 16.26
CA PHE A 238 16.66 -16.65 14.81
C PHE A 238 16.10 -15.42 14.10
N VAL A 239 15.61 -14.41 14.84
CA VAL A 239 14.88 -13.31 14.21
C VAL A 239 15.75 -12.60 13.17
N ASN A 240 17.01 -12.31 13.53
CA ASN A 240 17.93 -11.66 12.59
C ASN A 240 18.05 -12.45 11.30
N TRP A 241 17.89 -13.76 11.37
CA TRP A 241 17.91 -14.60 10.17
C TRP A 241 16.58 -14.50 9.42
N ILE A 242 15.47 -14.47 10.16
CA ILE A 242 14.15 -14.30 9.53
C ILE A 242 14.06 -12.95 8.84
N ASP A 243 14.57 -11.89 9.47
CA ASP A 243 14.49 -10.58 8.86
C ASP A 243 15.34 -10.45 7.60
N SER A 244 16.35 -11.29 7.41
CA SER A 244 17.16 -11.25 6.20
C SER A 244 16.48 -11.92 5.03
N ILE A 245 15.46 -12.71 5.30
CA ILE A 245 14.65 -13.35 4.28
C ILE A 245 13.36 -12.57 4.04
N ILE A 246 12.77 -12.05 5.12
CA ILE A 246 11.51 -11.31 5.04
C ILE A 246 11.71 -9.84 4.71
N GLN A 247 12.95 -9.35 4.76
CA GLN A 247 13.30 -7.97 4.42
C GLN A 247 14.58 -7.94 3.60
N ILE B 30 16.35 14.57 27.02
CA ILE B 30 15.40 14.03 27.97
C ILE B 30 15.56 14.72 29.32
N VAL B 31 14.46 15.24 29.85
CA VAL B 31 14.46 15.95 31.12
C VAL B 31 14.23 14.94 32.25
N GLY B 32 15.05 15.01 33.28
CA GLY B 32 14.88 14.19 34.46
C GLY B 32 15.18 12.73 34.26
N GLY B 33 16.16 12.41 33.41
CA GLY B 33 16.41 11.03 33.09
C GLY B 33 17.77 10.54 33.55
N ARG B 34 18.10 9.32 33.17
CA ARG B 34 19.34 8.68 33.60
C ARG B 34 20.17 8.30 32.39
N ARG B 35 21.49 8.30 32.55
CA ARG B 35 22.36 7.78 31.51
C ARG B 35 22.03 6.34 31.20
N ALA B 36 22.12 6.00 29.92
CA ALA B 36 21.92 4.61 29.52
C ALA B 36 23.25 3.88 29.58
N ARG B 37 23.20 2.63 29.84
CA ARG B 37 24.54 2.08 29.75
C ARG B 37 24.96 1.76 28.35
N PRO B 38 26.32 1.77 28.09
CA PRO B 38 26.80 1.70 26.71
C PRO B 38 26.12 0.71 25.80
N HIS B 39 25.41 1.23 24.79
CA HIS B 39 24.76 0.41 23.74
C HIS B 39 23.74 -0.57 24.32
N ALA B 40 22.95 -0.10 25.28
CA ALA B 40 21.84 -0.89 25.78
C ALA B 40 20.70 -1.00 24.77
N TRP B 41 20.62 -0.05 23.83
CA TRP B 41 19.55 0.01 22.84
C TRP B 41 20.18 0.17 21.46
N PRO B 42 20.74 -0.89 20.90
CA PRO B 42 21.47 -0.78 19.62
C PRO B 42 20.58 -0.43 18.44
N PHE B 43 19.28 -0.26 18.65
CA PHE B 43 18.38 0.20 17.60
C PHE B 43 18.23 1.71 17.59
N MET B 44 18.97 2.42 18.45
CA MET B 44 18.81 3.86 18.59
C MET B 44 19.55 4.60 17.49
N VAL B 45 18.84 5.47 16.78
CA VAL B 45 19.36 6.16 15.62
C VAL B 45 19.43 7.65 15.91
N SER B 46 20.53 8.27 15.48
CA SER B 46 20.77 9.69 15.60
C SER B 46 20.76 10.28 14.20
N LEU B 47 19.78 11.15 13.92
CA LEU B 47 19.77 11.91 12.68
C LEU B 47 20.53 13.20 12.90
N GLN B 48 21.65 13.37 12.20
CA GLN B 48 22.54 14.51 12.36
C GLN B 48 22.66 15.30 11.07
N LEU B 49 22.81 16.61 11.21
CA LEU B 49 23.03 17.44 10.02
C LEU B 49 24.49 17.81 9.90
N ARG B 50 24.98 18.80 10.64
CA ARG B 50 26.40 19.09 10.53
C ARG B 50 27.18 17.95 11.20
N GLY B 51 27.17 17.90 12.54
CA GLY B 51 27.75 16.82 13.32
C GLY B 51 26.95 16.57 14.60
N GLY B 52 25.79 17.19 14.62
CA GLY B 52 24.96 17.25 15.79
C GLY B 52 23.56 16.71 15.62
N HIS B 53 23.07 16.19 16.73
CA HIS B 53 21.73 15.67 16.76
C HIS B 53 20.68 16.74 16.49
N PHE B 54 19.66 16.36 15.73
CA PHE B 54 18.46 17.16 15.59
C PHE B 54 17.20 16.32 15.68
N CYS B 55 17.29 15.01 15.47
CA CYS B 55 16.13 14.14 15.63
C CYS B 55 16.61 12.72 15.86
N GLY B 56 15.75 11.92 16.50
CA GLY B 56 16.03 10.52 16.71
C GLY B 56 15.22 9.64 15.76
N ALA B 57 15.58 8.36 15.72
CA ALA B 57 14.93 7.41 14.83
C ALA B 57 15.16 6.00 15.37
N THR B 58 14.71 5.02 14.58
CA THR B 58 14.68 3.62 15.01
C THR B 58 14.99 2.70 13.85
N LEU B 59 15.92 1.77 14.05
CA LEU B 59 16.25 0.78 13.02
C LEU B 59 15.17 -0.30 13.03
N ILE B 60 14.35 -0.32 12.00
CA ILE B 60 13.29 -1.32 11.87
C ILE B 60 13.63 -2.38 10.84
N ALA B 61 14.68 -2.16 10.06
CA ALA B 61 15.23 -3.11 9.10
C ALA B 61 16.63 -2.64 8.77
N PRO B 62 17.50 -3.54 8.32
CA PRO B 62 18.88 -3.12 8.04
C PRO B 62 18.98 -1.92 7.12
N ASN B 63 18.05 -1.77 6.19
CA ASN B 63 18.07 -0.68 5.21
C ASN B 63 16.92 0.29 5.38
N PHE B 64 16.29 0.31 6.56
CA PHE B 64 15.15 1.16 6.83
C PHE B 64 15.30 1.73 8.24
N VAL B 65 14.85 2.98 8.41
CA VAL B 65 14.81 3.65 9.71
C VAL B 65 13.48 4.37 9.80
N MET B 66 12.91 4.41 11.00
CA MET B 66 11.62 5.00 11.26
C MET B 66 11.80 6.18 12.20
N SER B 67 11.16 7.30 11.88
CA SER B 67 11.25 8.51 12.67
C SER B 67 9.94 9.28 12.52
N ALA B 68 9.99 10.58 12.78
CA ALA B 68 8.80 11.43 12.75
C ALA B 68 8.78 12.26 11.46
N ALA B 69 7.58 12.41 10.90
CA ALA B 69 7.43 13.13 9.64
C ALA B 69 7.83 14.59 9.76
N HIS B 70 7.60 15.22 10.90
CA HIS B 70 7.98 16.62 11.06
C HIS B 70 9.49 16.78 11.21
N CYS B 71 10.22 15.70 11.52
CA CYS B 71 11.66 15.77 11.64
C CYS B 71 12.34 16.08 10.33
N VAL B 72 11.69 15.83 9.21
CA VAL B 72 12.24 16.04 7.89
C VAL B 72 11.45 17.06 7.09
N ALA B 73 10.65 17.88 7.76
CA ALA B 73 9.73 18.77 7.05
C ALA B 73 10.47 19.87 6.29
N ASN B 74 11.30 20.63 6.99
CA ASN B 74 12.07 21.71 6.38
C ASN B 74 13.56 21.42 6.63
N VAL B 75 14.07 20.40 5.94
CA VAL B 75 15.47 20.00 6.05
C VAL B 75 15.93 19.55 4.68
N ASN B 76 17.25 19.61 4.44
CA ASN B 76 17.83 19.10 3.21
C ASN B 76 18.21 17.65 3.46
N VAL B 77 17.25 16.77 3.19
CA VAL B 77 17.41 15.33 3.44
C VAL B 77 18.69 14.79 2.82
N ARG B 78 19.14 15.40 1.71
CA ARG B 78 20.44 15.02 1.14
C ARG B 78 21.56 15.15 2.17
N ALA B 79 21.46 16.11 3.08
CA ALA B 79 22.55 16.38 4.00
C ALA B 79 22.48 15.61 5.30
N VAL B 80 21.39 14.86 5.52
CA VAL B 80 21.23 14.10 6.75
C VAL B 80 22.03 12.81 6.66
N ARG B 81 22.88 12.58 7.65
CA ARG B 81 23.61 11.33 7.82
C ARG B 81 22.90 10.50 8.87
N VAL B 82 22.65 9.23 8.56
CA VAL B 82 21.89 8.36 9.44
C VAL B 82 22.91 7.61 10.30
N VAL B 83 23.25 8.21 11.44
CA VAL B 83 24.23 7.62 12.35
C VAL B 83 23.59 6.46 13.10
N LEU B 84 24.31 5.35 13.19
CA LEU B 84 23.81 4.14 13.83
C LEU B 84 24.82 3.68 14.87
N GLY B 85 24.30 3.09 15.95
CA GLY B 85 25.16 2.53 16.97
C GLY B 85 26.02 3.54 17.68
N ALA B 86 25.42 4.57 18.27
CA ALA B 86 26.18 5.65 18.89
C ALA B 86 25.78 5.81 20.35
N HIS B 87 26.62 6.52 21.09
CA HIS B 87 26.36 6.75 22.52
C HIS B 87 26.72 8.18 22.90
N ASN B 88 27.97 8.57 22.75
CA ASN B 88 28.43 9.92 23.07
C ASN B 88 28.71 10.64 21.76
N LEU B 89 27.88 11.64 21.44
CA LEU B 89 28.01 12.41 20.21
C LEU B 89 29.16 13.41 20.26
N SER B 90 30.02 13.33 21.27
CA SER B 90 31.20 14.18 21.37
C SER B 90 32.47 13.39 21.17
N ARG B 91 32.37 12.08 20.91
CA ARG B 91 33.52 11.24 20.96
C ARG B 91 33.73 10.41 19.72
N ARG B 92 34.90 9.89 19.76
CA ARG B 92 35.40 9.11 18.67
C ARG B 92 34.94 7.68 18.81
N GLU B 93 34.14 7.24 17.89
CA GLU B 93 33.49 5.95 18.11
C GLU B 93 33.47 5.06 16.88
N PRO B 94 34.31 4.03 16.84
CA PRO B 94 34.31 3.10 15.70
C PRO B 94 33.05 2.25 15.61
N THR B 95 32.15 2.35 16.59
CA THR B 95 30.92 1.56 16.61
C THR B 95 29.85 2.11 15.70
N ARG B 96 30.03 3.31 15.16
CA ARG B 96 29.07 3.93 14.27
C ARG B 96 29.15 3.35 12.87
N GLN B 97 27.97 3.26 12.24
CA GLN B 97 27.88 2.99 10.80
C GLN B 97 27.09 4.18 10.25
N VAL B 98 27.78 5.13 9.61
CA VAL B 98 27.13 6.33 9.11
C VAL B 98 26.57 6.02 7.72
N PHE B 99 25.30 6.31 7.52
CA PHE B 99 24.60 6.02 6.28
C PHE B 99 23.90 7.29 5.81
N ALA B 100 23.41 7.26 4.58
CA ALA B 100 22.72 8.39 3.99
C ALA B 100 21.32 7.96 3.56
N VAL B 101 20.46 8.95 3.38
CA VAL B 101 19.05 8.70 3.10
C VAL B 101 18.86 8.43 1.62
N GLN B 102 18.29 7.27 1.30
CA GLN B 102 17.95 6.95 -0.09
C GLN B 102 16.49 7.23 -0.43
N ARG B 103 15.53 6.60 0.27
CA ARG B 103 14.13 6.77 -0.10
C ARG B 103 13.29 7.22 1.09
N ILE B 104 12.30 8.08 0.80
CA ILE B 104 11.45 8.70 1.82
C ILE B 104 10.01 8.27 1.59
N PHE B 105 9.42 7.63 2.60
CA PHE B 105 8.02 7.22 2.60
C PHE B 105 7.29 7.97 3.70
N GLU B 106 6.11 8.50 3.39
CA GLU B 106 5.25 9.12 4.38
C GLU B 106 3.80 8.80 4.06
N ASN B 107 3.00 8.62 5.11
CA ASN B 107 1.57 8.50 4.99
C ASN B 107 1.00 9.90 5.24
N GLY B 108 -0.30 9.98 5.48
CA GLY B 108 -0.98 11.27 5.63
C GLY B 108 -0.61 12.17 6.79
N TYR B 109 0.59 12.73 6.82
CA TYR B 109 0.96 13.64 7.91
C TYR B 109 0.23 14.96 7.78
N ASP B 110 -0.40 15.40 8.87
CA ASP B 110 -1.19 16.62 8.91
C ASP B 110 -0.33 17.72 9.53
N PRO B 111 0.31 18.58 8.73
CA PRO B 111 1.28 19.52 9.30
C PRO B 111 0.69 20.46 10.33
N VAL B 112 -0.62 20.68 10.30
CA VAL B 112 -1.25 21.53 11.31
C VAL B 112 -1.71 20.70 12.51
N ASN B 113 -2.39 19.58 12.28
CA ASN B 113 -2.86 18.73 13.37
C ASN B 113 -1.83 17.70 13.80
N LEU B 114 -0.72 17.58 13.07
CA LEU B 114 0.39 16.68 13.41
C LEU B 114 -0.07 15.24 13.65
N LEU B 115 -0.96 14.77 12.79
CA LEU B 115 -1.36 13.36 12.77
C LEU B 115 -0.45 12.59 11.82
N ASN B 116 -0.37 11.28 12.06
CA ASN B 116 0.45 10.36 11.26
C ASN B 116 1.85 10.95 11.08
N ASP B 117 2.43 11.37 12.19
CA ASP B 117 3.74 12.00 12.21
C ASP B 117 4.81 10.91 12.13
N ILE B 118 4.73 10.14 11.06
CA ILE B 118 5.62 8.99 10.83
C ILE B 118 6.29 9.14 9.47
N VAL B 119 7.56 8.78 9.41
CA VAL B 119 8.31 8.75 8.16
C VAL B 119 9.22 7.54 8.20
N ILE B 120 9.26 6.82 7.08
CA ILE B 120 10.16 5.69 6.91
C ILE B 120 11.22 6.08 5.91
N LEU B 121 12.47 6.00 6.32
CA LEU B 121 13.60 6.35 5.48
C LEU B 121 14.30 5.07 5.07
N GLN B 122 14.41 4.82 3.76
CA GLN B 122 15.24 3.74 3.31
C GLN B 122 16.69 4.23 3.28
N LEU B 123 17.60 3.32 3.59
CA LEU B 123 19.00 3.68 3.76
C LEU B 123 19.76 3.45 2.46
N ASN B 124 20.79 4.28 2.24
CA ASN B 124 21.65 4.18 1.06
C ASN B 124 22.14 2.76 0.84
N GLY B 125 22.24 1.98 1.91
CA GLY B 125 22.64 0.60 1.85
C GLY B 125 22.08 -0.13 3.05
N SER B 126 22.65 -1.31 3.32
CA SER B 126 22.20 -2.13 4.44
C SER B 126 23.25 -2.18 5.54
N ALA B 127 22.77 -2.22 6.78
CA ALA B 127 23.62 -2.20 7.97
C ALA B 127 23.94 -3.61 8.45
N THR B 128 25.12 -3.74 9.04
CA THR B 128 25.56 -4.97 9.70
C THR B 128 24.98 -5.01 11.11
N ILE B 129 24.16 -6.02 11.38
CA ILE B 129 23.64 -6.23 12.72
C ILE B 129 24.82 -6.62 13.61
N ASN B 130 25.36 -5.63 14.32
CA ASN B 130 26.45 -5.81 15.26
C ASN B 130 25.87 -6.01 16.66
N ALA B 131 26.73 -5.87 17.68
CA ALA B 131 26.24 -5.74 19.04
C ALA B 131 25.79 -4.32 19.34
N ASN B 132 26.34 -3.36 18.59
CA ASN B 132 26.01 -1.95 18.72
C ASN B 132 24.94 -1.50 17.75
N VAL B 133 24.63 -2.31 16.74
CA VAL B 133 23.59 -1.98 15.75
C VAL B 133 22.70 -3.20 15.62
N GLN B 134 21.42 -3.04 15.98
CA GLN B 134 20.47 -4.14 15.89
C GLN B 134 19.11 -3.59 15.47
N VAL B 135 18.26 -4.49 14.99
CA VAL B 135 16.96 -4.12 14.43
C VAL B 135 15.88 -4.40 15.45
N ALA B 136 15.27 -3.34 15.99
CA ALA B 136 14.08 -3.52 16.81
C ALA B 136 12.91 -3.90 15.92
N GLN B 137 11.88 -4.47 16.53
CA GLN B 137 10.71 -4.90 15.79
C GLN B 137 9.46 -4.25 16.37
N LEU B 138 8.40 -4.31 15.58
CA LEU B 138 7.19 -3.53 15.76
C LEU B 138 5.99 -4.42 16.13
N PRO B 139 4.88 -3.82 16.62
CA PRO B 139 3.70 -4.62 16.97
C PRO B 139 2.79 -4.96 15.81
N ALA B 140 1.64 -5.58 16.10
CA ALA B 140 0.63 -5.81 15.09
C ALA B 140 -0.28 -4.59 14.93
N GLN B 141 -0.91 -4.50 13.76
CA GLN B 141 -1.89 -3.45 13.51
C GLN B 141 -3.10 -3.67 14.41
N GLY B 142 -3.36 -2.71 15.29
CA GLY B 142 -4.46 -2.81 16.21
C GLY B 142 -4.04 -3.11 17.63
N ARG B 143 -2.76 -3.44 17.85
CA ARG B 143 -2.25 -3.65 19.20
C ARG B 143 -2.24 -2.29 19.88
N ARG B 144 -3.22 -2.05 20.75
CA ARG B 144 -3.36 -0.79 21.46
C ARG B 144 -3.10 -0.98 22.94
N LEU B 145 -2.20 -0.19 23.49
CA LEU B 145 -1.87 -0.22 24.90
C LEU B 145 -2.82 0.68 25.70
N GLY B 146 -3.31 0.16 26.82
CA GLY B 146 -4.19 0.89 27.70
C GLY B 146 -3.45 1.77 28.68
N ASN B 147 -4.24 2.51 29.47
CA ASN B 147 -3.69 3.30 30.57
C ASN B 147 -2.92 2.41 31.54
N GLY B 148 -1.75 2.87 31.96
CA GLY B 148 -1.00 2.22 33.02
C GLY B 148 0.23 1.46 32.59
N VAL B 149 0.35 1.10 31.31
CA VAL B 149 1.45 0.26 30.85
C VAL B 149 2.77 0.98 30.98
N GLN B 150 3.78 0.27 31.50
CA GLN B 150 5.08 0.86 31.81
C GLN B 150 5.98 0.75 30.58
N CYS B 151 6.47 1.89 30.13
CA CYS B 151 7.32 1.99 28.94
C CYS B 151 8.62 2.69 29.31
N LEU B 152 9.47 2.86 28.31
CA LEU B 152 10.77 3.50 28.49
C LEU B 152 11.04 4.36 27.26
N ALA B 153 11.42 5.61 27.50
CA ALA B 153 11.77 6.54 26.44
C ALA B 153 13.29 6.76 26.42
N MET B 154 13.79 7.19 25.28
CA MET B 154 15.22 7.40 25.11
C MET B 154 15.43 8.60 24.18
N GLY B 155 16.65 9.09 24.17
CA GLY B 155 17.00 10.16 23.26
C GLY B 155 18.25 10.88 23.68
N TRP B 156 18.80 11.63 22.73
CA TRP B 156 19.92 12.53 22.96
C TRP B 156 19.46 13.97 23.13
N GLY B 157 18.19 14.19 23.47
CA GLY B 157 17.63 15.53 23.50
C GLY B 157 18.01 16.32 24.72
N LEU B 158 17.39 17.50 24.83
CA LEU B 158 17.69 18.44 25.90
C LEU B 158 17.40 17.84 27.26
N LEU B 159 18.30 18.08 28.21
CA LEU B 159 18.20 17.52 29.55
C LEU B 159 17.32 18.34 30.49
N GLY B 160 16.92 19.55 30.12
CA GLY B 160 16.06 20.30 31.00
C GLY B 160 16.37 21.78 31.02
N ARG B 161 16.24 22.37 32.20
CA ARG B 161 16.53 23.78 32.43
C ARG B 161 18.03 24.05 32.29
N ASN B 162 18.83 23.59 33.25
CA ASN B 162 20.28 23.61 33.10
C ASN B 162 20.76 22.43 32.26
N ARG B 163 22.00 22.54 31.76
CA ARG B 163 22.67 21.46 31.04
C ARG B 163 21.94 21.16 29.74
N GLY B 164 22.42 21.68 28.62
CA GLY B 164 21.65 21.64 27.40
C GLY B 164 21.65 20.29 26.73
N ILE B 165 21.85 20.24 25.41
CA ILE B 165 21.71 19.00 24.67
C ILE B 165 22.57 17.92 25.33
N ALA B 166 22.05 16.69 25.36
CA ALA B 166 22.70 15.58 26.03
C ALA B 166 23.85 15.09 25.17
N SER B 167 25.01 14.90 25.80
CA SER B 167 26.13 14.32 25.07
C SER B 167 26.02 12.80 24.94
N VAL B 168 25.40 12.12 25.90
CA VAL B 168 25.29 10.67 25.88
C VAL B 168 23.83 10.26 26.08
N LEU B 169 23.42 9.21 25.36
CA LEU B 169 22.03 8.73 25.35
C LEU B 169 21.43 8.63 26.76
N GLN B 170 20.15 9.00 26.86
CA GLN B 170 19.46 9.09 28.14
C GLN B 170 18.15 8.33 28.09
N GLU B 171 17.76 7.75 29.24
CA GLU B 171 16.55 6.95 29.38
C GLU B 171 15.64 7.53 30.46
N LEU B 172 14.38 7.13 30.43
CA LEU B 172 13.40 7.62 31.40
C LEU B 172 12.21 6.67 31.41
N ASN B 173 11.98 6.03 32.56
CA ASN B 173 10.82 5.14 32.69
C ASN B 173 9.56 5.99 32.71
N VAL B 174 8.58 5.62 31.89
CA VAL B 174 7.35 6.39 31.73
C VAL B 174 6.16 5.44 31.72
N THR B 175 4.97 6.03 31.80
CA THR B 175 3.72 5.29 31.87
C THR B 175 2.74 5.83 30.84
N VAL B 176 2.16 4.94 30.04
CA VAL B 176 1.18 5.33 29.04
C VAL B 176 -0.10 5.77 29.74
N VAL B 177 -0.68 6.87 29.25
CA VAL B 177 -1.94 7.40 29.77
C VAL B 177 -2.87 7.66 28.60
N THR B 178 -4.18 7.45 28.83
CA THR B 178 -5.17 7.71 27.81
C THR B 178 -5.92 9.01 28.02
N SER B 179 -6.03 9.46 29.27
CA SER B 179 -6.62 10.76 29.59
C SER B 179 -5.71 11.90 29.13
N LEU B 180 -6.34 12.93 28.54
CA LEU B 180 -5.64 14.12 28.04
C LEU B 180 -4.74 13.74 26.87
N CYS B 181 -5.31 13.00 25.93
CA CYS B 181 -4.59 12.43 24.81
C CYS B 181 -5.60 12.17 23.71
N ARG B 182 -5.12 11.77 22.55
CA ARG B 182 -5.98 11.46 21.43
C ARG B 182 -5.83 9.99 21.05
N ARG B 183 -6.91 9.42 20.51
CA ARG B 183 -6.81 8.06 19.96
C ARG B 183 -5.80 8.00 18.83
N SER B 184 -5.53 9.12 18.18
CA SER B 184 -4.60 9.17 17.07
C SER B 184 -3.15 9.25 17.51
N ASN B 185 -2.87 9.16 18.81
CA ASN B 185 -1.50 9.10 19.31
C ASN B 185 -1.43 8.12 20.48
N VAL B 186 -0.20 7.86 20.93
CA VAL B 186 0.05 7.23 22.22
C VAL B 186 0.77 8.24 23.11
N CYS B 187 0.21 8.50 24.29
CA CYS B 187 0.76 9.48 25.21
C CYS B 187 1.29 8.83 26.47
N THR B 188 2.27 9.50 27.09
CA THR B 188 2.97 8.98 28.26
C THR B 188 3.24 10.09 29.27
N LEU B 189 3.15 9.74 30.54
CA LEU B 189 3.49 10.64 31.63
C LEU B 189 4.45 9.94 32.59
N VAL B 190 5.30 10.73 33.23
CA VAL B 190 6.04 10.27 34.41
C VAL B 190 5.36 10.89 35.61
N ARG B 191 4.87 10.04 36.50
CA ARG B 191 4.01 10.47 37.59
C ARG B 191 4.85 10.78 38.82
N GLY B 192 4.63 11.95 39.41
CA GLY B 192 5.33 12.36 40.60
C GLY B 192 6.59 13.16 40.36
N ARG B 193 6.94 13.41 39.11
CA ARG B 193 8.08 14.26 38.79
C ARG B 193 7.79 14.98 37.48
N GLN B 194 8.37 16.17 37.35
CA GLN B 194 8.31 16.92 36.09
C GLN B 194 9.50 16.48 35.25
N ALA B 195 9.26 15.54 34.35
CA ALA B 195 10.29 14.94 33.53
C ALA B 195 9.64 14.46 32.24
N GLY B 196 10.46 14.27 31.23
CA GLY B 196 9.92 13.79 29.96
C GLY B 196 10.81 14.22 28.81
N VAL B 197 10.35 13.88 27.61
CA VAL B 197 11.12 14.12 26.41
C VAL B 197 11.10 15.61 26.08
N CYS B 198 12.21 16.10 25.54
CA CYS B 198 12.35 17.51 25.19
C CYS B 198 12.88 17.61 23.78
N PHE B 199 13.14 18.83 23.33
CA PHE B 199 13.54 19.06 21.95
C PHE B 199 14.81 18.27 21.65
N GLY B 200 14.86 17.69 20.45
CA GLY B 200 15.91 16.77 20.06
C GLY B 200 15.57 15.30 20.25
N ASP B 201 14.50 15.00 20.97
CA ASP B 201 14.01 13.63 21.12
C ASP B 201 13.03 13.22 20.03
N SER B 202 12.69 14.12 19.10
CA SER B 202 11.63 13.83 18.14
C SER B 202 12.01 12.66 17.24
N GLY B 203 11.07 11.75 17.07
CA GLY B 203 11.32 10.57 16.28
C GLY B 203 11.95 9.44 17.05
N SER B 204 12.46 9.70 18.25
CA SER B 204 13.04 8.67 19.07
C SER B 204 11.95 7.73 19.58
N PRO B 205 12.27 6.46 19.81
CA PRO B 205 11.22 5.47 20.03
C PRO B 205 10.67 5.46 21.45
N LEU B 206 9.48 4.88 21.56
CA LEU B 206 8.87 4.51 22.82
C LEU B 206 8.84 2.98 22.90
N VAL B 207 9.70 2.40 23.73
CA VAL B 207 9.73 0.96 23.93
C VAL B 207 8.76 0.58 25.03
N CYS B 208 7.86 -0.35 24.73
CA CYS B 208 6.91 -0.90 25.70
C CYS B 208 6.97 -2.40 25.59
N ASN B 209 7.53 -3.04 26.62
CA ASN B 209 7.73 -4.49 26.64
C ASN B 209 8.51 -4.96 25.41
N GLY B 210 9.60 -4.24 25.12
CA GLY B 210 10.45 -4.58 23.99
C GLY B 210 9.81 -4.46 22.63
N LEU B 211 8.73 -3.69 22.50
CA LEU B 211 8.07 -3.48 21.22
C LEU B 211 7.94 -1.98 21.02
N ILE B 212 8.24 -1.53 19.80
CA ILE B 212 8.27 -0.10 19.51
C ILE B 212 6.86 0.35 19.18
N HIS B 213 6.22 1.06 20.12
CA HIS B 213 4.83 1.46 20.02
C HIS B 213 4.63 2.93 19.70
N GLY B 214 5.64 3.77 19.92
CA GLY B 214 5.49 5.19 19.73
C GLY B 214 6.68 5.78 19.01
N ILE B 215 6.44 6.92 18.37
CA ILE B 215 7.48 7.75 17.78
C ILE B 215 7.29 9.15 18.34
N ALA B 216 8.34 9.68 18.98
CA ALA B 216 8.25 10.93 19.71
C ALA B 216 7.78 12.06 18.81
N SER B 217 6.54 12.51 19.02
CA SER B 217 5.95 13.56 18.19
C SER B 217 6.09 14.92 18.86
N PHE B 218 5.35 15.15 19.95
CA PHE B 218 5.29 16.49 20.49
C PHE B 218 5.01 16.48 21.99
N VAL B 219 5.39 17.59 22.63
CA VAL B 219 5.01 17.89 23.99
C VAL B 219 4.01 19.03 23.95
N ARG B 220 3.28 19.21 25.05
CA ARG B 220 2.38 20.34 25.20
C ARG B 220 2.74 21.14 26.43
N GLY B 221 2.64 22.47 26.33
CA GLY B 221 2.91 23.34 27.46
C GLY B 221 4.35 23.46 27.87
N GLY B 222 5.23 22.69 27.27
CA GLY B 222 6.63 22.67 27.61
C GLY B 222 7.12 21.25 27.78
N CYS B 223 8.44 21.12 27.84
CA CYS B 223 9.04 19.80 27.80
C CYS B 223 8.64 18.96 29.01
N ALA B 224 9.10 19.36 30.19
CA ALA B 224 8.77 18.72 31.46
C ALA B 224 7.82 19.63 32.26
N SER B 225 6.52 19.47 32.05
CA SER B 225 5.52 20.27 32.76
C SER B 225 4.75 19.52 33.84
N GLY B 226 4.43 18.25 33.64
CA GLY B 226 3.64 17.53 34.62
C GLY B 226 2.14 17.62 34.44
N LEU B 227 1.65 18.50 33.57
CA LEU B 227 0.21 18.64 33.35
C LEU B 227 -0.26 17.91 32.10
N TYR B 228 0.43 18.10 30.97
CA TYR B 228 0.05 17.46 29.71
C TYR B 228 0.98 16.29 29.40
N PRO B 229 0.44 15.15 28.99
CA PRO B 229 1.29 14.00 28.67
C PRO B 229 2.03 14.18 27.34
N ASP B 230 3.24 13.62 27.27
CA ASP B 230 4.01 13.60 26.03
C ASP B 230 3.32 12.71 25.00
N ALA B 231 3.28 13.17 23.74
CA ALA B 231 2.56 12.48 22.68
C ALA B 231 3.53 11.78 21.72
N PHE B 232 3.23 10.53 21.38
CA PHE B 232 4.00 9.74 20.43
C PHE B 232 3.15 9.41 19.21
N ALA B 233 3.81 9.17 18.10
CA ALA B 233 3.11 8.70 16.92
C ALA B 233 2.71 7.23 17.11
N PRO B 234 1.45 6.86 16.83
CA PRO B 234 0.99 5.52 17.20
C PRO B 234 1.47 4.44 16.24
N VAL B 235 2.67 3.91 16.49
CA VAL B 235 3.33 3.03 15.54
C VAL B 235 2.41 1.89 15.12
N ALA B 236 1.68 1.32 16.08
CA ALA B 236 0.83 0.18 15.79
C ALA B 236 -0.29 0.50 14.83
N GLN B 237 -0.65 1.78 14.68
CA GLN B 237 -1.71 2.14 13.74
C GLN B 237 -1.26 2.10 12.28
N PHE B 238 0.05 2.01 12.02
CA PHE B 238 0.58 1.97 10.66
C PHE B 238 1.40 0.74 10.34
N VAL B 239 1.48 -0.25 11.24
CA VAL B 239 2.48 -1.31 11.07
C VAL B 239 2.32 -2.02 9.74
N ASN B 240 1.10 -2.40 9.39
CA ASN B 240 0.87 -3.05 8.11
C ASN B 240 1.25 -2.17 6.93
N TRP B 241 1.24 -0.84 7.10
CA TRP B 241 1.74 0.05 6.05
C TRP B 241 3.25 0.04 6.00
N ILE B 242 3.90 -0.02 7.18
CA ILE B 242 5.35 -0.18 7.22
C ILE B 242 5.76 -1.50 6.60
N ASP B 243 4.99 -2.55 6.88
CA ASP B 243 5.25 -3.87 6.32
C ASP B 243 5.08 -3.91 4.82
N SER B 244 4.39 -2.95 4.23
CA SER B 244 4.34 -2.89 2.77
C SER B 244 5.59 -2.24 2.21
N ILE B 245 6.34 -1.54 3.05
CA ILE B 245 7.59 -0.89 2.64
C ILE B 245 8.79 -1.72 3.04
N ILE B 246 8.81 -2.21 4.29
CA ILE B 246 9.94 -2.97 4.81
C ILE B 246 9.82 -4.47 4.55
N GLN B 247 8.67 -4.93 4.09
CA GLN B 247 8.45 -6.35 3.84
C GLN B 247 7.68 -6.58 2.54
N ILE C 30 8.26 27.76 -18.52
CA ILE C 30 8.37 27.14 -19.82
C ILE C 30 9.15 28.03 -20.78
N VAL C 31 10.22 27.50 -21.36
CA VAL C 31 11.10 28.25 -22.25
C VAL C 31 10.72 27.92 -23.68
N GLY C 32 10.28 28.94 -24.42
CA GLY C 32 9.96 28.76 -25.83
C GLY C 32 8.59 28.18 -26.07
N GLY C 33 7.60 28.60 -25.28
CA GLY C 33 6.26 28.08 -25.43
C GLY C 33 5.28 29.15 -25.83
N ARG C 34 4.01 28.93 -25.49
CA ARG C 34 2.94 29.82 -25.90
C ARG C 34 1.92 29.94 -24.78
N ARG C 35 1.53 31.17 -24.48
CA ARG C 35 0.53 31.41 -23.44
C ARG C 35 -0.71 30.56 -23.67
N ALA C 36 -1.07 29.78 -22.66
CA ALA C 36 -2.22 28.90 -22.78
C ALA C 36 -3.49 29.68 -23.07
N ARG C 37 -4.46 29.00 -23.61
CA ARG C 37 -5.73 29.69 -23.67
C ARG C 37 -6.39 29.66 -22.30
N PRO C 38 -7.02 30.76 -21.86
CA PRO C 38 -7.42 30.89 -20.46
C PRO C 38 -8.21 29.71 -19.90
N HIS C 39 -7.63 29.06 -18.90
CA HIS C 39 -8.22 27.92 -18.19
C HIS C 39 -8.51 26.75 -19.11
N ALA C 40 -7.82 26.68 -20.24
CA ALA C 40 -7.94 25.52 -21.12
C ALA C 40 -7.53 24.24 -20.41
N TRP C 41 -6.76 24.34 -19.34
CA TRP C 41 -6.32 23.19 -18.54
C TRP C 41 -6.72 23.44 -17.09
N PRO C 42 -7.99 23.18 -16.76
CA PRO C 42 -8.47 23.47 -15.40
C PRO C 42 -8.06 22.42 -14.39
N PHE C 43 -6.99 21.69 -14.67
CA PHE C 43 -6.42 20.76 -13.71
C PHE C 43 -5.02 21.17 -13.28
N MET C 44 -4.58 22.35 -13.70
CA MET C 44 -3.22 22.80 -13.41
C MET C 44 -3.21 23.64 -12.16
N VAL C 45 -2.33 23.28 -11.23
CA VAL C 45 -2.26 23.89 -9.91
C VAL C 45 -1.02 24.77 -9.84
N SER C 46 -1.13 25.86 -9.08
CA SER C 46 -0.02 26.73 -8.73
C SER C 46 0.24 26.60 -7.25
N LEU C 47 1.46 26.24 -6.88
CA LEU C 47 1.86 26.14 -5.49
C LEU C 47 2.75 27.33 -5.17
N GLN C 48 2.38 28.10 -4.16
CA GLN C 48 3.09 29.33 -3.84
C GLN C 48 3.38 29.36 -2.35
N LEU C 49 4.37 30.18 -1.98
CA LEU C 49 4.88 30.23 -0.61
C LEU C 49 4.56 31.57 0.05
N ARG C 50 5.22 32.65 -0.33
CA ARG C 50 4.76 33.97 0.07
C ARG C 50 3.54 34.32 -0.78
N GLY C 51 3.79 34.98 -1.89
CA GLY C 51 2.80 35.14 -2.94
C GLY C 51 3.43 34.72 -4.25
N GLY C 52 4.61 34.11 -4.14
CA GLY C 52 5.42 33.77 -5.29
C GLY C 52 5.27 32.30 -5.64
N HIS C 53 5.11 32.05 -6.94
CA HIS C 53 5.01 30.69 -7.46
C HIS C 53 6.36 30.00 -7.40
N PHE C 54 6.37 28.74 -6.95
CA PHE C 54 7.61 27.99 -6.83
C PHE C 54 7.55 26.59 -7.42
N CYS C 55 6.37 26.00 -7.61
CA CYS C 55 6.28 24.68 -8.22
C CYS C 55 4.87 24.49 -8.77
N GLY C 56 4.75 23.55 -9.70
CA GLY C 56 3.48 23.24 -10.31
C GLY C 56 2.88 21.96 -9.73
N ALA C 57 1.62 21.73 -10.05
CA ALA C 57 0.92 20.59 -9.50
C ALA C 57 -0.32 20.30 -10.33
N THR C 58 -0.96 19.18 -10.03
CA THR C 58 -2.08 18.66 -10.81
C THR C 58 -3.16 18.15 -9.87
N LEU C 59 -4.40 18.57 -10.09
CA LEU C 59 -5.55 18.09 -9.33
C LEU C 59 -6.00 16.74 -9.88
N ILE C 60 -5.80 15.70 -9.11
CA ILE C 60 -6.14 14.34 -9.50
C ILE C 60 -7.37 13.80 -8.77
N ALA C 61 -7.74 14.38 -7.64
CA ALA C 61 -8.94 14.08 -6.88
C ALA C 61 -9.38 15.37 -6.20
N PRO C 62 -10.69 15.61 -6.06
CA PRO C 62 -11.15 16.95 -5.63
C PRO C 62 -10.58 17.41 -4.31
N ASN C 63 -9.85 16.56 -3.59
CA ASN C 63 -9.21 16.96 -2.35
C ASN C 63 -7.72 16.60 -2.32
N PHE C 64 -7.15 16.18 -3.44
CA PHE C 64 -5.75 15.82 -3.54
C PHE C 64 -5.06 16.69 -4.58
N VAL C 65 -3.73 16.64 -4.59
CA VAL C 65 -2.91 17.40 -5.53
C VAL C 65 -1.61 16.63 -5.77
N MET C 66 -1.30 16.38 -7.04
CA MET C 66 -0.09 15.66 -7.44
C MET C 66 0.98 16.64 -7.85
N SER C 67 2.20 16.46 -7.33
CA SER C 67 3.28 17.38 -7.63
C SER C 67 4.61 16.63 -7.52
N ALA C 68 5.70 17.38 -7.50
CA ALA C 68 7.04 16.81 -7.41
C ALA C 68 7.51 16.79 -5.97
N ALA C 69 8.34 15.80 -5.65
CA ALA C 69 8.76 15.60 -4.27
C ALA C 69 9.76 16.65 -3.85
N HIS C 70 10.74 16.94 -4.71
CA HIS C 70 11.78 17.91 -4.38
C HIS C 70 11.24 19.32 -4.22
N CYS C 71 9.97 19.55 -4.59
CA CYS C 71 9.36 20.85 -4.42
C CYS C 71 9.12 21.16 -2.95
N VAL C 72 8.75 20.16 -2.17
CA VAL C 72 8.40 20.36 -0.77
C VAL C 72 9.52 19.92 0.18
N ALA C 73 10.75 19.77 -0.33
CA ALA C 73 11.81 19.15 0.46
C ALA C 73 12.43 20.13 1.45
N ASN C 74 12.61 21.39 1.07
CA ASN C 74 13.15 22.41 1.95
C ASN C 74 12.20 23.60 1.96
N VAL C 75 10.99 23.36 2.44
CA VAL C 75 9.88 24.31 2.37
C VAL C 75 8.97 24.06 3.55
N ASN C 76 8.67 25.12 4.32
CA ASN C 76 7.67 24.99 5.39
C ASN C 76 6.33 24.66 4.75
N VAL C 77 5.96 23.39 4.79
CA VAL C 77 4.78 22.91 4.06
C VAL C 77 3.52 23.61 4.53
N ARG C 78 3.48 24.04 5.79
CA ARG C 78 2.33 24.75 6.32
C ARG C 78 2.15 26.13 5.71
N ALA C 79 3.20 26.68 5.11
CA ALA C 79 3.10 27.95 4.41
C ALA C 79 2.70 27.80 2.96
N VAL C 80 2.57 26.57 2.47
CA VAL C 80 2.26 26.32 1.07
C VAL C 80 0.76 26.53 0.84
N ARG C 81 0.42 27.24 -0.22
CA ARG C 81 -0.96 27.55 -0.58
C ARG C 81 -1.25 26.98 -1.95
N VAL C 82 -2.29 26.15 -2.04
CA VAL C 82 -2.57 25.35 -3.22
C VAL C 82 -3.58 26.12 -4.06
N VAL C 83 -3.07 26.94 -4.99
CA VAL C 83 -3.92 27.77 -5.85
C VAL C 83 -4.45 26.91 -7.00
N LEU C 84 -5.77 26.89 -7.15
CA LEU C 84 -6.43 26.08 -8.16
C LEU C 84 -7.09 26.98 -9.20
N GLY C 85 -7.17 26.47 -10.42
CA GLY C 85 -7.88 27.15 -11.49
C GLY C 85 -7.50 28.60 -11.72
N ALA C 86 -6.21 28.84 -11.94
CA ALA C 86 -5.73 30.17 -12.28
C ALA C 86 -5.14 30.15 -13.68
N HIS C 87 -4.97 31.35 -14.25
CA HIS C 87 -4.40 31.49 -15.58
C HIS C 87 -3.31 32.56 -15.55
N ASN C 88 -3.67 33.74 -15.09
CA ASN C 88 -2.72 34.83 -14.97
C ASN C 88 -2.48 35.08 -13.48
N LEU C 89 -1.26 34.77 -13.02
CA LEU C 89 -0.89 35.05 -11.65
C LEU C 89 -0.54 36.51 -11.42
N SER C 90 -0.38 37.29 -12.49
CA SER C 90 -0.19 38.72 -12.36
C SER C 90 -1.41 39.39 -11.74
N ARG C 91 -2.59 38.93 -12.11
CA ARG C 91 -3.85 39.54 -11.72
C ARG C 91 -4.43 38.86 -10.47
N ARG C 92 -5.59 39.35 -10.05
CA ARG C 92 -6.38 38.74 -8.99
C ARG C 92 -7.58 38.08 -9.68
N GLU C 93 -7.55 36.78 -9.76
CA GLU C 93 -8.60 36.06 -10.45
C GLU C 93 -9.74 35.70 -9.50
N PRO C 94 -10.97 35.54 -10.00
CA PRO C 94 -12.07 35.10 -9.15
C PRO C 94 -12.18 33.59 -9.08
N THR C 95 -11.67 32.94 -10.13
CA THR C 95 -11.76 31.49 -10.27
C THR C 95 -10.81 30.75 -9.34
N ARG C 96 -9.92 31.45 -8.64
CA ARG C 96 -8.93 30.80 -7.81
C ARG C 96 -9.58 30.25 -6.54
N GLN C 97 -9.33 28.98 -6.25
CA GLN C 97 -9.77 28.34 -5.02
C GLN C 97 -8.50 27.92 -4.29
N VAL C 98 -7.94 28.84 -3.50
CA VAL C 98 -6.71 28.54 -2.77
C VAL C 98 -7.00 27.55 -1.65
N PHE C 99 -6.14 26.54 -1.54
CA PHE C 99 -6.23 25.53 -0.48
C PHE C 99 -4.87 25.40 0.18
N ALA C 100 -4.80 24.54 1.19
CA ALA C 100 -3.59 24.30 1.95
C ALA C 100 -3.40 22.81 2.13
N VAL C 101 -2.22 22.42 2.59
CA VAL C 101 -1.87 21.02 2.67
C VAL C 101 -2.47 20.41 3.93
N GLN C 102 -3.20 19.32 3.77
CA GLN C 102 -3.62 18.54 4.93
C GLN C 102 -2.70 17.35 5.16
N ARG C 103 -2.48 16.52 4.15
CA ARG C 103 -1.73 15.30 4.34
C ARG C 103 -0.72 15.11 3.22
N ILE C 104 0.47 14.63 3.58
CA ILE C 104 1.63 14.61 2.70
C ILE C 104 1.99 13.15 2.42
N PHE C 105 1.76 12.70 1.19
CA PHE C 105 2.03 11.32 0.80
C PHE C 105 3.20 11.29 -0.19
N GLU C 106 4.31 10.70 0.24
CA GLU C 106 5.44 10.41 -0.64
C GLU C 106 5.77 8.93 -0.50
N ASN C 107 6.40 8.36 -1.52
CA ASN C 107 6.95 7.01 -1.38
C ASN C 107 8.19 6.86 -2.27
N GLY C 108 9.32 6.53 -1.64
CA GLY C 108 10.52 6.22 -2.37
C GLY C 108 11.25 7.39 -3.00
N TYR C 109 11.02 8.62 -2.54
CA TYR C 109 11.70 9.75 -3.17
C TYR C 109 13.18 9.73 -2.80
N ASP C 110 14.04 9.46 -3.78
CA ASP C 110 15.47 9.62 -3.55
C ASP C 110 15.82 11.10 -3.67
N PRO C 111 16.15 11.77 -2.57
CA PRO C 111 16.50 13.19 -2.66
C PRO C 111 17.86 13.42 -3.27
N VAL C 112 18.64 12.36 -3.50
CA VAL C 112 20.02 12.48 -3.91
C VAL C 112 20.12 12.24 -5.42
N ASN C 113 19.29 11.33 -5.95
CA ASN C 113 19.27 11.02 -7.37
C ASN C 113 17.96 11.40 -8.05
N LEU C 114 17.01 11.96 -7.32
CA LEU C 114 15.69 12.34 -7.82
C LEU C 114 14.93 11.14 -8.37
N LEU C 115 15.17 9.96 -7.80
CA LEU C 115 14.34 8.80 -8.09
C LEU C 115 12.98 8.96 -7.42
N ASN C 116 11.92 8.63 -8.16
CA ASN C 116 10.56 8.69 -7.66
C ASN C 116 10.22 10.09 -7.16
N ASP C 117 10.31 11.06 -8.07
CA ASP C 117 10.05 12.46 -7.74
C ASP C 117 8.56 12.75 -7.82
N ILE C 118 7.82 12.05 -6.96
CA ILE C 118 6.37 12.15 -6.89
C ILE C 118 5.97 12.51 -5.47
N VAL C 119 4.79 13.12 -5.35
CA VAL C 119 4.17 13.37 -4.06
C VAL C 119 2.69 13.65 -4.28
N ILE C 120 1.86 13.24 -3.33
CA ILE C 120 0.43 13.50 -3.35
C ILE C 120 0.07 14.37 -2.15
N LEU C 121 -0.51 15.53 -2.42
CA LEU C 121 -0.87 16.48 -1.38
C LEU C 121 -2.38 16.42 -1.16
N GLN C 122 -2.79 16.09 0.07
CA GLN C 122 -4.19 16.19 0.45
C GLN C 122 -4.47 17.60 0.96
N LEU C 123 -5.74 18.01 0.85
CA LEU C 123 -6.08 19.42 0.93
C LEU C 123 -7.01 19.72 2.11
N ASN C 124 -6.62 20.72 2.89
CA ASN C 124 -7.50 21.78 3.43
C ASN C 124 -8.98 21.48 3.27
N GLY C 125 -9.44 21.31 2.03
CA GLY C 125 -10.81 20.91 1.77
C GLY C 125 -10.96 20.32 0.39
N SER C 126 -12.20 20.24 -0.06
CA SER C 126 -12.53 19.77 -1.41
C SER C 126 -12.83 20.97 -2.30
N ALA C 127 -12.53 20.81 -3.60
CA ALA C 127 -12.72 21.85 -4.59
C ALA C 127 -14.01 21.65 -5.36
N THR C 128 -14.38 22.68 -6.12
CA THR C 128 -15.63 22.70 -6.86
C THR C 128 -15.36 22.35 -8.33
N ILE C 129 -15.83 21.19 -8.74
CA ILE C 129 -15.82 20.80 -10.15
C ILE C 129 -16.60 21.86 -10.93
N ASN C 130 -15.89 22.72 -11.65
CA ASN C 130 -16.50 23.81 -12.39
C ASN C 130 -15.77 23.97 -13.72
N ALA C 131 -15.90 25.15 -14.33
CA ALA C 131 -15.31 25.45 -15.63
C ALA C 131 -13.87 25.92 -15.54
N ASN C 132 -13.39 26.27 -14.35
CA ASN C 132 -12.00 26.67 -14.16
C ASN C 132 -11.19 25.66 -13.37
N VAL C 133 -11.84 24.71 -12.69
CA VAL C 133 -11.17 23.70 -11.90
C VAL C 133 -11.82 22.35 -12.21
N GLN C 134 -11.02 21.39 -12.69
CA GLN C 134 -11.55 20.07 -13.01
C GLN C 134 -10.49 19.02 -12.70
N VAL C 135 -10.97 17.83 -12.36
CA VAL C 135 -10.07 16.72 -12.08
C VAL C 135 -9.39 16.28 -13.37
N ALA C 136 -8.12 15.93 -13.26
CA ALA C 136 -7.40 15.26 -14.34
C ALA C 136 -7.36 13.76 -14.09
N GLN C 137 -7.10 13.00 -15.14
CA GLN C 137 -7.18 11.56 -15.08
C GLN C 137 -5.81 10.93 -15.34
N LEU C 138 -5.65 9.72 -14.84
CA LEU C 138 -4.37 9.06 -14.83
C LEU C 138 -4.40 7.80 -15.67
N PRO C 139 -3.33 7.50 -16.39
CA PRO C 139 -3.27 6.25 -17.15
C PRO C 139 -3.26 5.05 -16.23
N ALA C 140 -3.48 3.88 -16.80
CA ALA C 140 -3.37 2.67 -16.02
C ALA C 140 -1.93 2.49 -15.53
N GLN C 141 -1.77 1.74 -14.45
CA GLN C 141 -0.44 1.46 -13.94
C GLN C 141 0.35 0.67 -14.97
N GLY C 142 1.40 1.29 -15.51
CA GLY C 142 2.32 0.59 -16.39
C GLY C 142 2.19 0.88 -17.87
N ARG C 143 1.40 1.86 -18.28
CA ARG C 143 1.37 2.25 -19.69
C ARG C 143 2.61 3.07 -19.98
N ARG C 144 3.56 2.47 -20.68
CA ARG C 144 4.78 3.16 -21.09
C ARG C 144 4.57 3.76 -22.48
N LEU C 145 4.76 5.07 -22.59
CA LEU C 145 4.79 5.73 -23.88
C LEU C 145 6.17 5.55 -24.53
N GLY C 146 6.16 5.24 -25.82
CA GLY C 146 7.39 5.04 -26.54
C GLY C 146 7.91 6.30 -27.19
N ASN C 147 9.19 6.25 -27.56
CA ASN C 147 9.87 7.35 -28.25
C ASN C 147 9.06 7.79 -29.47
N GLY C 148 8.44 8.98 -29.40
CA GLY C 148 7.69 9.49 -30.52
C GLY C 148 6.33 10.08 -30.22
N VAL C 149 5.74 9.68 -29.09
CA VAL C 149 4.44 10.23 -28.71
C VAL C 149 4.56 11.72 -28.45
N GLN C 150 3.62 12.48 -29.00
CA GLN C 150 3.63 13.94 -28.91
C GLN C 150 2.77 14.36 -27.73
N CYS C 151 3.39 15.02 -26.76
CA CYS C 151 2.75 15.38 -25.50
C CYS C 151 2.68 16.90 -25.38
N LEU C 152 2.23 17.37 -24.23
CA LEU C 152 2.08 18.80 -23.98
C LEU C 152 2.48 19.10 -22.54
N ALA C 153 3.40 20.04 -22.38
CA ALA C 153 3.88 20.46 -21.08
C ALA C 153 3.34 21.85 -20.75
N MET C 154 3.31 22.15 -19.45
CA MET C 154 2.78 23.42 -18.97
C MET C 154 3.52 23.83 -17.71
N GLY C 155 3.32 25.07 -17.30
CA GLY C 155 3.88 25.56 -16.06
C GLY C 155 4.12 27.05 -16.09
N TRP C 156 4.16 27.65 -14.89
CA TRP C 156 4.45 29.06 -14.74
C TRP C 156 5.93 29.33 -14.50
N GLY C 157 6.79 28.40 -14.91
CA GLY C 157 8.21 28.54 -14.64
C GLY C 157 8.84 29.62 -15.48
N LEU C 158 10.17 29.65 -15.43
CA LEU C 158 10.94 30.71 -16.07
C LEU C 158 10.78 30.68 -17.58
N LEU C 159 10.67 31.86 -18.17
CA LEU C 159 10.60 32.00 -19.62
C LEU C 159 11.98 32.07 -20.25
N GLY C 160 13.01 31.76 -19.48
CA GLY C 160 14.39 31.86 -19.87
C GLY C 160 15.14 32.84 -18.99
N ARG C 161 16.33 33.20 -19.45
CA ARG C 161 16.93 34.41 -18.92
C ARG C 161 16.07 35.61 -19.25
N ASN C 162 15.56 35.67 -20.47
CA ASN C 162 14.56 36.66 -20.81
C ASN C 162 13.28 36.35 -20.07
N ARG C 163 12.76 37.34 -19.33
CA ARG C 163 11.48 37.26 -18.64
C ARG C 163 11.49 36.20 -17.55
N GLY C 164 11.26 36.62 -16.31
CA GLY C 164 11.34 35.71 -15.19
C GLY C 164 10.18 34.74 -15.10
N ILE C 165 9.64 34.58 -13.89
CA ILE C 165 8.56 33.62 -13.67
C ILE C 165 7.35 34.02 -14.49
N ALA C 166 6.82 33.07 -15.25
CA ALA C 166 5.73 33.36 -16.18
C ALA C 166 4.49 33.83 -15.45
N SER C 167 3.97 34.99 -15.87
CA SER C 167 2.74 35.51 -15.30
C SER C 167 1.52 34.73 -15.81
N VAL C 168 1.51 34.41 -17.10
CA VAL C 168 0.40 33.70 -17.73
C VAL C 168 0.83 32.26 -18.00
N LEU C 169 -0.10 31.33 -17.84
CA LEU C 169 0.17 29.91 -18.03
C LEU C 169 0.66 29.64 -19.45
N GLN C 170 1.75 28.88 -19.56
CA GLN C 170 2.43 28.63 -20.81
C GLN C 170 2.46 27.14 -21.10
N GLU C 171 2.33 26.78 -22.38
CA GLU C 171 2.30 25.40 -22.82
C GLU C 171 3.39 25.17 -23.86
N LEU C 172 3.58 23.91 -24.21
CA LEU C 172 4.64 23.54 -25.15
C LEU C 172 4.49 22.12 -25.66
N ASN C 173 4.19 21.98 -26.96
CA ASN C 173 4.35 20.70 -27.66
C ASN C 173 5.67 20.05 -27.31
N VAL C 174 5.62 18.80 -26.89
CA VAL C 174 6.83 18.02 -26.64
C VAL C 174 6.62 16.63 -27.22
N THR C 175 7.72 15.89 -27.32
CA THR C 175 7.72 14.54 -27.86
C THR C 175 8.45 13.62 -26.88
N VAL C 176 7.83 12.47 -26.59
CA VAL C 176 8.47 11.50 -25.70
C VAL C 176 9.77 11.03 -26.33
N VAL C 177 10.78 10.78 -25.50
CA VAL C 177 12.11 10.45 -25.97
C VAL C 177 12.72 9.42 -25.02
N THR C 178 13.27 8.35 -25.59
CA THR C 178 14.11 7.40 -24.88
C THR C 178 15.56 7.63 -25.30
N SER C 179 16.48 6.99 -24.56
CA SER C 179 17.92 7.21 -24.68
C SER C 179 18.28 8.64 -24.29
N LEU C 180 19.34 8.78 -23.50
CA LEU C 180 19.61 10.01 -22.74
C LEU C 180 18.43 10.35 -21.84
N CYS C 181 17.66 9.32 -21.51
CA CYS C 181 16.65 9.32 -20.47
C CYS C 181 17.04 8.26 -19.45
N ARG C 182 16.23 8.13 -18.40
CA ARG C 182 16.45 7.12 -17.39
C ARG C 182 15.38 6.03 -17.46
N ARG C 183 15.73 4.87 -16.88
CA ARG C 183 14.75 3.81 -16.70
C ARG C 183 13.52 4.33 -15.97
N SER C 184 13.74 5.15 -14.94
CA SER C 184 12.73 5.64 -14.03
C SER C 184 12.15 6.98 -14.45
N ASN C 185 12.34 7.39 -15.70
CA ASN C 185 11.84 8.66 -16.18
C ASN C 185 10.96 8.45 -17.41
N VAL C 186 10.25 9.50 -17.79
CA VAL C 186 9.69 9.63 -19.12
C VAL C 186 10.17 10.99 -19.64
N CYS C 187 11.24 10.99 -20.42
CA CYS C 187 11.83 12.23 -20.83
C CYS C 187 11.16 12.79 -22.08
N THR C 188 11.42 14.05 -22.34
CA THR C 188 10.83 14.73 -23.48
C THR C 188 11.89 15.61 -24.11
N LEU C 189 11.67 15.93 -25.38
CA LEU C 189 12.59 16.80 -26.10
C LEU C 189 11.83 17.50 -27.21
N VAL C 190 12.20 18.74 -27.47
CA VAL C 190 11.76 19.46 -28.65
C VAL C 190 12.95 19.50 -29.60
N ARG C 191 12.93 18.62 -30.59
CA ARG C 191 13.98 18.55 -31.58
C ARG C 191 13.77 19.63 -32.64
N GLY C 192 14.79 20.45 -32.84
CA GLY C 192 14.75 21.55 -33.78
C GLY C 192 14.81 22.92 -33.12
N ARG C 193 14.39 23.01 -31.86
CA ARG C 193 14.43 24.27 -31.13
C ARG C 193 14.97 24.03 -29.73
N GLN C 194 15.61 25.06 -29.19
CA GLN C 194 16.01 25.09 -27.79
C GLN C 194 14.80 25.47 -26.98
N ALA C 195 14.06 24.46 -26.52
CA ALA C 195 12.82 24.68 -25.80
C ALA C 195 12.70 23.61 -24.72
N GLY C 196 11.86 23.89 -23.74
CA GLY C 196 11.62 22.94 -22.67
C GLY C 196 11.27 23.63 -21.37
N VAL C 197 11.15 22.83 -20.34
CA VAL C 197 10.72 23.30 -19.03
C VAL C 197 11.92 23.86 -18.27
N CYS C 198 11.65 24.84 -17.39
CA CYS C 198 12.67 25.49 -16.59
C CYS C 198 12.16 25.66 -15.16
N PHE C 199 12.96 26.33 -14.33
CA PHE C 199 12.68 26.44 -12.91
C PHE C 199 11.33 27.09 -12.65
N GLY C 200 10.54 26.48 -11.77
CA GLY C 200 9.19 26.89 -11.53
C GLY C 200 8.17 25.98 -12.18
N ASP C 201 8.56 25.26 -13.23
CA ASP C 201 7.65 24.32 -13.89
C ASP C 201 7.61 22.98 -13.18
N SER C 202 8.54 22.71 -12.27
CA SER C 202 8.65 21.39 -11.67
C SER C 202 7.42 21.05 -10.86
N GLY C 203 6.92 19.83 -11.05
CA GLY C 203 5.65 19.42 -10.50
C GLY C 203 4.49 19.55 -11.45
N SER C 204 4.61 20.38 -12.49
CA SER C 204 3.52 20.57 -13.42
C SER C 204 3.36 19.32 -14.29
N PRO C 205 2.14 19.01 -14.72
CA PRO C 205 1.90 17.74 -15.39
C PRO C 205 2.45 17.71 -16.81
N LEU C 206 2.37 16.52 -17.40
CA LEU C 206 2.69 16.29 -18.82
C LEU C 206 1.49 15.57 -19.42
N VAL C 207 0.68 16.29 -20.18
CA VAL C 207 -0.50 15.71 -20.81
C VAL C 207 -0.08 14.92 -22.05
N CYS C 208 -0.62 13.72 -22.19
CA CYS C 208 -0.47 12.93 -23.42
C CYS C 208 -1.77 12.19 -23.67
N ASN C 209 -2.46 12.56 -24.74
CA ASN C 209 -3.77 12.00 -25.07
C ASN C 209 -4.68 11.99 -23.84
N GLY C 210 -4.86 13.18 -23.26
CA GLY C 210 -5.75 13.38 -22.13
C GLY C 210 -5.29 12.79 -20.81
N LEU C 211 -4.08 12.24 -20.73
CA LEU C 211 -3.62 11.56 -19.54
C LEU C 211 -2.38 12.23 -18.98
N ILE C 212 -2.10 11.93 -17.71
CA ILE C 212 -0.97 12.53 -16.99
C ILE C 212 0.06 11.41 -16.82
N HIS C 213 0.99 11.33 -17.77
CA HIS C 213 2.09 10.38 -17.66
C HIS C 213 3.36 10.98 -17.08
N GLY C 214 3.40 12.29 -16.84
CA GLY C 214 4.63 12.92 -16.42
C GLY C 214 4.39 13.95 -15.34
N ILE C 215 5.40 14.09 -14.47
CA ILE C 215 5.48 15.18 -13.49
C ILE C 215 6.84 15.79 -13.63
N ALA C 216 6.88 17.08 -13.95
CA ALA C 216 8.12 17.81 -14.15
C ALA C 216 9.08 17.63 -12.98
N SER C 217 10.18 16.94 -13.22
CA SER C 217 11.16 16.61 -12.18
C SER C 217 12.45 17.40 -12.36
N PHE C 218 13.28 17.07 -13.35
CA PHE C 218 14.56 17.75 -13.50
C PHE C 218 14.90 17.97 -14.97
N VAL C 219 15.81 18.91 -15.19
CA VAL C 219 16.46 19.12 -16.47
C VAL C 219 17.93 18.74 -16.31
N ARG C 220 18.57 18.43 -17.43
CA ARG C 220 19.99 18.12 -17.49
C ARG C 220 20.71 19.25 -18.20
N GLY C 221 21.74 19.80 -17.54
CA GLY C 221 22.60 20.84 -18.08
C GLY C 221 21.97 21.86 -19.02
N GLY C 222 21.17 22.77 -18.45
CA GLY C 222 20.50 23.77 -19.27
C GLY C 222 19.02 23.51 -19.48
N CYS C 223 18.21 24.56 -19.36
CA CYS C 223 16.76 24.40 -19.53
C CYS C 223 16.41 24.20 -21.00
N ALA C 224 16.81 25.14 -21.85
CA ALA C 224 16.58 25.02 -23.29
C ALA C 224 17.87 24.62 -23.99
N SER C 225 18.36 23.43 -23.66
CA SER C 225 19.61 22.96 -24.25
C SER C 225 19.41 22.55 -25.71
N GLY C 226 18.35 21.82 -26.01
CA GLY C 226 18.20 21.23 -27.34
C GLY C 226 18.86 19.87 -27.37
N LEU C 227 19.90 19.74 -26.55
CA LEU C 227 20.47 18.46 -26.15
C LEU C 227 19.97 18.13 -24.74
N TYR C 228 20.17 16.87 -24.33
CA TYR C 228 19.77 16.40 -23.00
C TYR C 228 18.27 16.58 -22.78
N PRO C 229 17.46 15.56 -23.02
CA PRO C 229 16.01 15.72 -22.85
C PRO C 229 15.61 16.01 -21.41
N ASP C 230 14.52 16.76 -21.26
CA ASP C 230 13.94 17.05 -19.96
C ASP C 230 13.30 15.80 -19.38
N ALA C 231 13.41 15.62 -18.07
CA ALA C 231 12.94 14.41 -17.41
C ALA C 231 11.71 14.71 -16.57
N PHE C 232 10.70 13.87 -16.71
CA PHE C 232 9.47 13.94 -15.94
C PHE C 232 9.41 12.77 -14.97
N ALA C 233 8.58 12.93 -13.95
CA ALA C 233 8.32 11.78 -13.08
C ALA C 233 7.35 10.83 -13.77
N PRO C 234 7.60 9.53 -13.72
CA PRO C 234 6.73 8.58 -14.42
C PRO C 234 5.46 8.27 -13.65
N VAL C 235 4.39 9.03 -13.90
CA VAL C 235 3.16 8.86 -13.15
C VAL C 235 2.67 7.41 -13.21
N ALA C 236 2.71 6.81 -14.41
CA ALA C 236 2.12 5.49 -14.59
C ALA C 236 2.92 4.38 -13.94
N GLN C 237 4.09 4.68 -13.38
CA GLN C 237 4.79 3.72 -12.54
C GLN C 237 4.31 3.73 -11.10
N PHE C 238 3.33 4.58 -10.77
CA PHE C 238 2.84 4.71 -9.40
C PHE C 238 1.33 4.75 -9.29
N VAL C 239 0.58 4.48 -10.37
CA VAL C 239 -0.86 4.73 -10.37
C VAL C 239 -1.58 3.82 -9.38
N ASN C 240 -1.12 2.56 -9.26
CA ASN C 240 -1.65 1.68 -8.24
C ASN C 240 -1.50 2.28 -6.85
N TRP C 241 -0.33 2.87 -6.57
CA TRP C 241 -0.07 3.49 -5.28
C TRP C 241 -0.83 4.81 -5.12
N ILE C 242 -0.97 5.58 -6.20
CA ILE C 242 -1.80 6.78 -6.17
C ILE C 242 -3.24 6.41 -5.82
N ASP C 243 -3.83 5.50 -6.60
CA ASP C 243 -5.21 5.10 -6.38
C ASP C 243 -5.42 4.42 -5.03
N SER C 244 -4.37 3.85 -4.42
CA SER C 244 -4.49 3.34 -3.07
C SER C 244 -4.74 4.46 -2.06
N ILE C 245 -4.52 5.70 -2.46
CA ILE C 245 -4.70 6.85 -1.58
C ILE C 245 -5.99 7.60 -1.89
N ILE C 246 -6.59 7.38 -3.05
CA ILE C 246 -7.83 8.04 -3.42
C ILE C 246 -8.97 7.02 -3.40
N GLN C 247 -8.85 6.00 -2.57
CA GLN C 247 -9.84 4.93 -2.50
C GLN C 247 -10.94 5.22 -1.46
N ILE D 30 -19.55 -12.39 -28.05
CA ILE D 30 -19.17 -11.55 -29.17
C ILE D 30 -19.28 -12.31 -30.49
N VAL D 31 -19.99 -11.74 -31.45
CA VAL D 31 -20.17 -12.36 -32.77
C VAL D 31 -19.05 -11.87 -33.69
N GLY D 32 -18.40 -12.79 -34.37
CA GLY D 32 -17.39 -12.45 -35.34
C GLY D 32 -16.09 -11.93 -34.75
N GLY D 33 -15.69 -12.43 -33.59
CA GLY D 33 -14.52 -11.91 -32.93
C GLY D 33 -13.40 -12.92 -32.76
N ARG D 34 -12.36 -12.53 -32.02
CA ARG D 34 -11.20 -13.36 -31.78
C ARG D 34 -11.03 -13.57 -30.29
N ARG D 35 -10.59 -14.76 -29.91
CA ARG D 35 -10.29 -15.06 -28.52
C ARG D 35 -9.17 -14.16 -28.01
N ALA D 36 -9.27 -13.76 -26.74
CA ALA D 36 -8.22 -12.99 -26.11
C ALA D 36 -7.18 -13.92 -25.48
N ARG D 37 -5.96 -13.40 -25.35
CA ARG D 37 -4.92 -14.18 -24.71
C ARG D 37 -5.15 -14.21 -23.19
N PRO D 38 -4.77 -15.33 -22.53
CA PRO D 38 -5.03 -15.50 -21.09
C PRO D 38 -4.76 -14.25 -20.25
N HIS D 39 -5.83 -13.69 -19.69
CA HIS D 39 -5.77 -12.55 -18.79
C HIS D 39 -5.12 -11.34 -19.47
N ALA D 40 -5.49 -11.11 -20.74
CA ALA D 40 -5.02 -9.92 -21.44
C ALA D 40 -5.67 -8.64 -20.93
N TRP D 41 -6.84 -8.74 -20.31
CA TRP D 41 -7.60 -7.60 -19.82
C TRP D 41 -7.98 -7.92 -18.38
N PRO D 42 -7.04 -7.77 -17.45
CA PRO D 42 -7.29 -8.18 -16.06
C PRO D 42 -8.33 -7.33 -15.34
N PHE D 43 -8.88 -6.30 -15.98
CA PHE D 43 -9.97 -5.55 -15.39
C PHE D 43 -11.33 -6.09 -15.78
N MET D 44 -11.38 -7.17 -16.56
CA MET D 44 -12.65 -7.69 -17.04
C MET D 44 -13.27 -8.58 -15.97
N VAL D 45 -14.48 -8.23 -15.55
CA VAL D 45 -15.16 -8.91 -14.45
C VAL D 45 -16.44 -9.53 -15.00
N SER D 46 -16.77 -10.72 -14.50
CA SER D 46 -17.92 -11.48 -14.96
C SER D 46 -19.02 -11.46 -13.91
N LEU D 47 -20.18 -10.94 -14.28
CA LEU D 47 -21.35 -10.98 -13.42
C LEU D 47 -22.07 -12.30 -13.65
N GLN D 48 -22.12 -13.15 -12.62
CA GLN D 48 -22.78 -14.43 -12.72
C GLN D 48 -23.91 -14.51 -11.68
N LEU D 49 -25.02 -15.12 -12.07
CA LEU D 49 -26.16 -15.32 -11.18
C LEU D 49 -26.25 -16.77 -10.74
N ARG D 50 -26.66 -17.67 -11.64
CA ARG D 50 -26.79 -19.09 -11.37
C ARG D 50 -25.42 -19.71 -11.11
N GLY D 51 -24.60 -19.77 -12.14
CA GLY D 51 -23.20 -20.12 -12.08
C GLY D 51 -22.68 -19.81 -13.46
N GLY D 52 -23.61 -19.26 -14.24
CA GLY D 52 -23.39 -18.90 -15.62
C GLY D 52 -23.31 -17.39 -15.76
N HIS D 53 -22.53 -16.94 -16.73
CA HIS D 53 -22.47 -15.53 -17.05
C HIS D 53 -23.82 -15.02 -17.51
N PHE D 54 -24.16 -13.79 -17.10
CA PHE D 54 -25.31 -13.09 -17.65
C PHE D 54 -25.03 -11.63 -18.02
N CYS D 55 -23.98 -11.03 -17.48
CA CYS D 55 -23.59 -9.68 -17.85
C CYS D 55 -22.12 -9.50 -17.51
N GLY D 56 -21.46 -8.58 -18.22
CA GLY D 56 -20.10 -8.22 -17.96
C GLY D 56 -20.01 -6.86 -17.28
N ALA D 57 -18.81 -6.55 -16.79
CA ALA D 57 -18.59 -5.30 -16.07
C ALA D 57 -17.10 -5.00 -16.02
N THR D 58 -16.73 -3.94 -15.31
CA THR D 58 -15.38 -3.41 -15.33
C THR D 58 -14.96 -2.93 -13.95
N LEU D 59 -13.78 -3.36 -13.53
CA LEU D 59 -13.23 -2.95 -12.23
C LEU D 59 -12.64 -1.55 -12.36
N ILE D 60 -13.29 -0.56 -11.75
CA ILE D 60 -12.83 0.82 -11.76
C ILE D 60 -12.23 1.25 -10.44
N ALA D 61 -12.29 0.41 -9.41
CA ALA D 61 -11.64 0.60 -8.13
C ALA D 61 -11.60 -0.77 -7.45
N PRO D 62 -10.67 -0.99 -6.52
CA PRO D 62 -10.57 -2.32 -5.91
C PRO D 62 -11.88 -2.80 -5.30
N ASN D 63 -12.71 -1.88 -4.80
CA ASN D 63 -13.97 -2.21 -4.16
C ASN D 63 -15.18 -1.70 -4.95
N PHE D 64 -15.00 -1.41 -6.24
CA PHE D 64 -16.07 -0.88 -7.07
C PHE D 64 -16.03 -1.52 -8.44
N VAL D 65 -17.22 -1.70 -9.01
CA VAL D 65 -17.39 -2.29 -10.33
C VAL D 65 -18.44 -1.48 -11.06
N MET D 66 -18.23 -1.27 -12.36
CA MET D 66 -19.12 -0.49 -13.20
C MET D 66 -19.71 -1.40 -14.27
N SER D 67 -21.02 -1.29 -14.48
CA SER D 67 -21.71 -2.12 -15.46
C SER D 67 -22.89 -1.32 -15.99
N ALA D 68 -23.87 -2.01 -16.55
CA ALA D 68 -25.04 -1.39 -17.16
C ALA D 68 -26.24 -1.50 -16.24
N ALA D 69 -27.00 -0.42 -16.14
CA ALA D 69 -28.13 -0.41 -15.22
C ALA D 69 -29.18 -1.43 -15.59
N HIS D 70 -29.34 -1.72 -16.88
CA HIS D 70 -30.33 -2.69 -17.32
C HIS D 70 -29.93 -4.12 -16.98
N CYS D 71 -28.65 -4.34 -16.69
CA CYS D 71 -28.18 -5.66 -16.29
C CYS D 71 -28.70 -6.09 -14.92
N VAL D 72 -29.13 -5.13 -14.10
CA VAL D 72 -29.56 -5.41 -12.73
C VAL D 72 -31.05 -5.10 -12.53
N ALA D 73 -31.79 -4.95 -13.63
CA ALA D 73 -33.19 -4.53 -13.53
C ALA D 73 -34.07 -5.65 -12.97
N ASN D 74 -34.01 -6.83 -13.57
CA ASN D 74 -34.80 -7.98 -13.18
C ASN D 74 -33.86 -9.11 -12.80
N VAL D 75 -33.15 -8.91 -11.68
CA VAL D 75 -32.18 -9.85 -11.15
C VAL D 75 -32.23 -9.77 -9.63
N ASN D 76 -31.77 -10.82 -8.97
CA ASN D 76 -31.60 -10.82 -7.51
C ASN D 76 -30.18 -10.37 -7.23
N VAL D 77 -29.99 -9.05 -7.11
CA VAL D 77 -28.67 -8.46 -6.89
C VAL D 77 -27.97 -9.09 -5.68
N ARG D 78 -28.73 -9.51 -4.68
CA ARG D 78 -28.14 -10.25 -3.57
C ARG D 78 -27.39 -11.48 -4.04
N ALA D 79 -27.87 -12.14 -5.10
CA ALA D 79 -27.34 -13.41 -5.55
C ALA D 79 -26.27 -13.29 -6.61
N VAL D 80 -25.96 -12.08 -7.09
CA VAL D 80 -24.97 -11.91 -8.14
C VAL D 80 -23.58 -12.07 -7.54
N ARG D 81 -22.77 -12.92 -8.16
CA ARG D 81 -21.38 -13.10 -7.77
C ARG D 81 -20.52 -12.27 -8.72
N VAL D 82 -19.66 -11.43 -8.16
CA VAL D 82 -18.84 -10.51 -8.94
C VAL D 82 -17.50 -11.22 -9.14
N VAL D 83 -17.43 -12.04 -10.19
CA VAL D 83 -16.23 -12.82 -10.48
C VAL D 83 -15.19 -11.92 -11.12
N LEU D 84 -13.95 -12.03 -10.64
CA LEU D 84 -12.85 -11.20 -11.10
C LEU D 84 -11.71 -12.10 -11.53
N GLY D 85 -10.94 -11.63 -12.50
CA GLY D 85 -9.74 -12.34 -12.92
C GLY D 85 -10.00 -13.68 -13.58
N ALA D 86 -10.81 -13.69 -14.63
CA ALA D 86 -11.21 -14.90 -15.31
C ALA D 86 -10.84 -14.81 -16.79
N HIS D 87 -10.85 -15.97 -17.44
CA HIS D 87 -10.54 -16.10 -18.85
C HIS D 87 -11.51 -17.10 -19.46
N ASN D 88 -11.45 -18.34 -18.98
CA ASN D 88 -12.33 -19.42 -19.41
C ASN D 88 -13.27 -19.77 -18.27
N LEU D 89 -14.57 -19.49 -18.44
CA LEU D 89 -15.56 -19.79 -17.41
C LEU D 89 -15.94 -21.27 -17.36
N SER D 90 -15.19 -22.13 -18.06
CA SER D 90 -15.35 -23.58 -18.02
C SER D 90 -14.18 -24.32 -17.39
N ARG D 91 -13.14 -23.63 -16.90
CA ARG D 91 -11.90 -24.26 -16.49
C ARG D 91 -11.52 -23.83 -15.07
N ARG D 92 -10.67 -24.62 -14.44
CA ARG D 92 -10.16 -24.27 -13.12
C ARG D 92 -9.21 -23.10 -13.23
N GLU D 93 -9.48 -22.03 -12.49
CA GLU D 93 -8.62 -20.85 -12.48
C GLU D 93 -8.47 -20.41 -11.04
N PRO D 94 -7.32 -20.69 -10.42
CA PRO D 94 -7.09 -20.23 -9.03
C PRO D 94 -6.94 -18.74 -8.89
N THR D 95 -6.84 -18.01 -10.00
CA THR D 95 -6.65 -16.57 -10.01
C THR D 95 -7.95 -15.79 -9.85
N ARG D 96 -9.12 -16.44 -9.92
CA ARG D 96 -10.38 -15.73 -9.83
C ARG D 96 -10.67 -15.33 -8.38
N GLN D 97 -11.25 -14.14 -8.21
CA GLN D 97 -11.67 -13.62 -6.92
C GLN D 97 -13.15 -13.26 -6.98
N VAL D 98 -13.99 -14.06 -6.33
CA VAL D 98 -15.43 -13.87 -6.36
C VAL D 98 -15.84 -12.85 -5.29
N PHE D 99 -16.71 -11.92 -5.67
CA PHE D 99 -17.19 -10.89 -4.75
C PHE D 99 -18.70 -10.81 -4.81
N ALA D 100 -19.28 -10.10 -3.85
CA ALA D 100 -20.73 -9.92 -3.79
C ALA D 100 -21.06 -8.44 -3.76
N VAL D 101 -22.30 -8.13 -4.11
CA VAL D 101 -22.71 -6.74 -4.26
C VAL D 101 -23.08 -6.18 -2.90
N GLN D 102 -22.45 -5.05 -2.54
CA GLN D 102 -22.81 -4.34 -1.31
C GLN D 102 -23.83 -3.23 -1.57
N ARG D 103 -23.47 -2.23 -2.39
CA ARG D 103 -24.33 -1.09 -2.66
C ARG D 103 -24.45 -0.82 -4.16
N ILE D 104 -25.61 -0.34 -4.58
CA ILE D 104 -25.92 -0.06 -5.98
C ILE D 104 -26.25 1.43 -6.13
N PHE D 105 -25.52 2.11 -7.00
CA PHE D 105 -25.77 3.51 -7.35
C PHE D 105 -26.20 3.61 -8.80
N GLU D 106 -27.21 4.42 -9.08
CA GLU D 106 -27.64 4.68 -10.44
C GLU D 106 -27.97 6.16 -10.60
N ASN D 107 -27.66 6.70 -11.78
CA ASN D 107 -27.99 8.06 -12.18
C ASN D 107 -29.30 7.97 -12.92
N GLY D 108 -29.61 8.93 -13.78
CA GLY D 108 -30.90 8.88 -14.47
C GLY D 108 -31.02 7.76 -15.48
N TYR D 109 -31.02 6.50 -15.03
CA TYR D 109 -31.18 5.40 -15.96
C TYR D 109 -32.61 5.40 -16.44
N ASP D 110 -32.77 5.39 -17.75
CA ASP D 110 -34.11 5.48 -18.33
C ASP D 110 -34.55 4.13 -18.83
N PRO D 111 -35.36 3.37 -18.08
CA PRO D 111 -35.68 2.03 -18.58
C PRO D 111 -36.43 2.05 -19.89
N VAL D 112 -37.27 3.04 -20.17
CA VAL D 112 -38.04 2.95 -21.41
C VAL D 112 -37.20 3.37 -22.59
N ASN D 113 -36.45 4.46 -22.46
CA ASN D 113 -35.55 4.93 -23.49
C ASN D 113 -34.12 4.37 -23.40
N LEU D 114 -33.80 3.55 -22.39
CA LEU D 114 -32.45 2.98 -22.18
C LEU D 114 -31.38 4.06 -22.17
N LEU D 115 -31.68 5.16 -21.50
CA LEU D 115 -30.73 6.23 -21.27
C LEU D 115 -29.97 5.97 -19.97
N ASN D 116 -28.77 6.52 -19.88
CA ASN D 116 -27.94 6.40 -18.68
C ASN D 116 -27.87 4.96 -18.20
N ASP D 117 -27.56 4.05 -19.13
CA ASP D 117 -27.51 2.62 -18.83
C ASP D 117 -26.19 2.24 -18.16
N ILE D 118 -25.92 2.92 -17.05
CA ILE D 118 -24.70 2.71 -16.25
C ILE D 118 -25.10 2.55 -14.79
N VAL D 119 -24.40 1.65 -14.08
CA VAL D 119 -24.60 1.45 -12.66
C VAL D 119 -23.24 1.22 -12.00
N ILE D 120 -23.06 1.80 -10.81
CA ILE D 120 -21.84 1.62 -10.04
C ILE D 120 -22.15 0.73 -8.85
N LEU D 121 -21.45 -0.41 -8.77
CA LEU D 121 -21.65 -1.40 -7.73
C LEU D 121 -20.44 -1.46 -6.81
N GLN D 122 -20.65 -1.23 -5.51
CA GLN D 122 -19.62 -1.47 -4.51
C GLN D 122 -19.62 -2.93 -4.08
N LEU D 123 -18.44 -3.45 -3.81
CA LEU D 123 -18.18 -4.84 -3.50
C LEU D 123 -18.09 -5.07 -1.99
N ASN D 124 -18.31 -6.33 -1.58
CA ASN D 124 -18.25 -6.73 -0.17
C ASN D 124 -16.91 -6.37 0.48
N GLY D 125 -15.85 -6.29 -0.30
CA GLY D 125 -14.54 -5.93 0.19
C GLY D 125 -13.68 -5.43 -0.95
N SER D 126 -12.37 -5.47 -0.74
CA SER D 126 -11.40 -5.02 -1.74
C SER D 126 -10.64 -6.22 -2.32
N ALA D 127 -10.31 -6.11 -3.61
CA ALA D 127 -9.67 -7.17 -4.37
C ALA D 127 -8.16 -7.04 -4.31
N THR D 128 -7.47 -8.16 -4.47
CA THR D 128 -6.02 -8.21 -4.48
C THR D 128 -5.50 -7.73 -5.83
N ILE D 129 -4.85 -6.58 -5.86
CA ILE D 129 -4.27 -6.08 -7.11
C ILE D 129 -3.05 -6.93 -7.47
N ASN D 130 -3.28 -8.03 -8.18
CA ASN D 130 -2.23 -8.87 -8.72
C ASN D 130 -2.13 -8.63 -10.23
N ALA D 131 -1.53 -9.58 -10.94
CA ALA D 131 -1.45 -9.55 -12.40
C ALA D 131 -2.75 -9.90 -13.12
N ASN D 132 -3.66 -10.64 -12.48
CA ASN D 132 -4.90 -11.03 -13.14
C ASN D 132 -6.07 -10.10 -12.87
N VAL D 133 -5.96 -9.20 -11.87
CA VAL D 133 -7.02 -8.22 -11.61
C VAL D 133 -6.38 -6.86 -11.35
N GLN D 134 -6.73 -5.89 -12.18
CA GLN D 134 -6.26 -4.51 -11.99
C GLN D 134 -7.38 -3.56 -12.34
N VAL D 135 -7.22 -2.30 -11.95
CA VAL D 135 -8.27 -1.31 -12.06
C VAL D 135 -8.08 -0.52 -13.34
N ALA D 136 -9.02 -0.66 -14.27
CA ALA D 136 -9.02 0.16 -15.46
C ALA D 136 -9.32 1.60 -15.11
N GLN D 137 -9.00 2.49 -16.04
CA GLN D 137 -9.14 3.91 -15.77
C GLN D 137 -10.11 4.52 -16.77
N LEU D 138 -10.61 5.68 -16.40
CA LEU D 138 -11.70 6.35 -17.08
C LEU D 138 -11.19 7.62 -17.74
N PRO D 139 -11.93 8.17 -18.69
CA PRO D 139 -11.54 9.43 -19.31
C PRO D 139 -11.96 10.61 -18.45
N ALA D 140 -11.69 11.80 -18.96
CA ALA D 140 -12.15 13.00 -18.29
C ALA D 140 -13.61 13.24 -18.65
N GLN D 141 -14.27 14.01 -17.80
CA GLN D 141 -15.67 14.33 -18.03
C GLN D 141 -15.85 15.15 -19.30
N GLY D 142 -16.60 14.60 -20.25
CA GLY D 142 -16.98 15.30 -21.44
C GLY D 142 -16.23 14.93 -22.71
N ARG D 143 -15.13 14.18 -22.60
CA ARG D 143 -14.39 13.80 -23.80
C ARG D 143 -15.24 12.83 -24.62
N ARG D 144 -15.71 13.30 -25.76
CA ARG D 144 -16.50 12.48 -26.68
C ARG D 144 -15.63 12.20 -27.89
N LEU D 145 -15.51 10.92 -28.24
CA LEU D 145 -14.73 10.53 -29.39
C LEU D 145 -15.56 10.72 -30.65
N GLY D 146 -14.95 11.30 -31.68
CA GLY D 146 -15.64 11.54 -32.91
C GLY D 146 -15.68 10.29 -33.78
N ASN D 147 -16.40 10.40 -34.89
CA ASN D 147 -16.42 9.30 -35.84
C ASN D 147 -15.00 8.99 -36.31
N GLY D 148 -14.68 7.71 -36.38
CA GLY D 148 -13.41 7.23 -36.89
C GLY D 148 -12.47 6.67 -35.84
N VAL D 149 -12.66 7.01 -34.56
CA VAL D 149 -11.77 6.49 -33.55
C VAL D 149 -12.05 4.99 -33.39
N GLN D 150 -10.99 4.20 -33.50
CA GLN D 150 -11.08 2.75 -33.47
C GLN D 150 -10.81 2.24 -32.07
N CYS D 151 -11.73 1.42 -31.55
CA CYS D 151 -11.74 0.92 -30.17
C CYS D 151 -11.74 -0.61 -30.16
N LEU D 152 -11.93 -1.17 -28.96
CA LEU D 152 -11.95 -2.60 -28.75
C LEU D 152 -13.12 -2.97 -27.83
N ALA D 153 -13.88 -3.97 -28.23
CA ALA D 153 -15.03 -4.45 -27.47
C ALA D 153 -14.71 -5.79 -26.80
N MET D 154 -15.47 -6.12 -25.76
CA MET D 154 -15.23 -7.31 -24.95
C MET D 154 -16.56 -7.91 -24.51
N GLY D 155 -16.50 -9.16 -24.07
CA GLY D 155 -17.64 -9.80 -23.46
C GLY D 155 -17.53 -11.31 -23.48
N TRP D 156 -18.29 -11.95 -22.59
CA TRP D 156 -18.46 -13.39 -22.57
C TRP D 156 -19.77 -13.82 -23.20
N GLY D 157 -20.38 -12.95 -24.00
CA GLY D 157 -21.71 -13.18 -24.50
C GLY D 157 -21.80 -14.19 -25.63
N LEU D 158 -23.00 -14.25 -26.19
CA LEU D 158 -23.33 -15.21 -27.24
C LEU D 158 -22.43 -15.04 -28.46
N LEU D 159 -22.07 -16.16 -29.07
CA LEU D 159 -21.28 -16.15 -30.28
C LEU D 159 -22.14 -15.86 -31.52
N GLY D 160 -23.45 -15.79 -31.35
CA GLY D 160 -24.42 -15.40 -32.38
C GLY D 160 -25.77 -16.09 -32.16
N ARG D 161 -26.50 -16.27 -33.27
CA ARG D 161 -27.80 -16.91 -33.25
C ARG D 161 -27.62 -18.38 -32.89
N ASN D 162 -27.04 -19.15 -33.79
CA ASN D 162 -26.45 -20.43 -33.42
C ASN D 162 -25.14 -20.12 -32.73
N ARG D 163 -24.55 -21.11 -32.06
CA ARG D 163 -23.28 -20.93 -31.38
C ARG D 163 -23.49 -20.02 -30.17
N GLY D 164 -23.73 -20.60 -28.99
CA GLY D 164 -24.16 -19.79 -27.86
C GLY D 164 -23.09 -19.07 -27.05
N ILE D 165 -23.26 -19.07 -25.73
CA ILE D 165 -22.39 -18.30 -24.85
C ILE D 165 -20.94 -18.75 -24.99
N ALA D 166 -20.04 -17.76 -24.96
CA ALA D 166 -18.60 -18.03 -25.05
C ALA D 166 -18.05 -18.41 -23.69
N SER D 167 -17.32 -19.53 -23.63
CA SER D 167 -16.63 -19.90 -22.40
C SER D 167 -15.34 -19.11 -22.22
N VAL D 168 -14.74 -18.61 -23.30
CA VAL D 168 -13.45 -17.93 -23.25
C VAL D 168 -13.64 -16.51 -23.77
N LEU D 169 -13.10 -15.55 -23.01
CA LEU D 169 -13.25 -14.13 -23.32
C LEU D 169 -12.86 -13.82 -24.76
N GLN D 170 -13.63 -12.92 -25.39
CA GLN D 170 -13.45 -12.57 -26.79
C GLN D 170 -13.36 -11.06 -26.94
N GLU D 171 -12.54 -10.62 -27.89
CA GLU D 171 -12.33 -9.22 -28.19
C GLU D 171 -12.65 -8.95 -29.65
N LEU D 172 -12.87 -7.68 -29.98
CA LEU D 172 -13.28 -7.32 -31.34
C LEU D 172 -12.97 -5.85 -31.59
N ASN D 173 -12.19 -5.58 -32.64
CA ASN D 173 -11.90 -4.20 -33.02
C ASN D 173 -13.14 -3.55 -33.63
N VAL D 174 -13.43 -2.33 -33.19
CA VAL D 174 -14.61 -1.58 -33.58
C VAL D 174 -14.20 -0.15 -33.89
N THR D 175 -15.13 0.61 -34.47
CA THR D 175 -14.88 1.99 -34.86
C THR D 175 -16.01 2.85 -34.32
N VAL D 176 -15.67 3.94 -33.65
CA VAL D 176 -16.71 4.83 -33.16
C VAL D 176 -17.37 5.49 -34.37
N VAL D 177 -18.70 5.47 -34.39
CA VAL D 177 -19.46 6.10 -35.46
C VAL D 177 -20.58 6.93 -34.85
N THR D 178 -20.90 8.03 -35.52
CA THR D 178 -22.03 8.86 -35.15
C THR D 178 -23.24 8.57 -36.02
N SER D 179 -22.98 8.08 -37.23
CA SER D 179 -24.07 7.82 -38.16
C SER D 179 -25.01 6.81 -37.55
N LEU D 180 -26.29 7.18 -37.48
CA LEU D 180 -27.37 6.35 -36.94
C LEU D 180 -27.18 6.06 -35.45
N CYS D 181 -27.01 7.12 -34.67
CA CYS D 181 -26.69 7.00 -33.25
C CYS D 181 -27.26 8.24 -32.56
N ARG D 182 -27.15 8.27 -31.24
CA ARG D 182 -27.73 9.33 -30.42
C ARG D 182 -26.67 10.12 -29.68
N ARG D 183 -27.02 11.37 -29.34
CA ARG D 183 -26.15 12.18 -28.51
C ARG D 183 -25.90 11.52 -27.16
N SER D 184 -26.82 10.66 -26.75
CA SER D 184 -26.84 9.96 -25.48
C SER D 184 -26.08 8.63 -25.43
N ASN D 185 -25.39 8.23 -26.49
CA ASN D 185 -24.61 7.00 -26.45
C ASN D 185 -23.30 7.23 -27.18
N VAL D 186 -22.40 6.26 -27.07
CA VAL D 186 -21.25 6.12 -27.95
C VAL D 186 -21.47 4.85 -28.74
N CYS D 187 -21.45 4.97 -30.06
CA CYS D 187 -21.77 3.86 -30.92
C CYS D 187 -20.52 3.40 -31.66
N THR D 188 -20.52 2.13 -32.03
CA THR D 188 -19.39 1.49 -32.68
C THR D 188 -19.93 0.58 -33.78
N LEU D 189 -19.25 0.56 -34.91
CA LEU D 189 -19.58 -0.34 -36.00
C LEU D 189 -18.32 -1.01 -36.50
N VAL D 190 -18.46 -2.25 -36.96
CA VAL D 190 -17.44 -2.94 -37.73
C VAL D 190 -17.87 -2.90 -39.19
N ARG D 191 -17.03 -2.29 -40.02
CA ARG D 191 -17.39 -1.98 -41.40
C ARG D 191 -16.97 -3.13 -42.31
N GLY D 192 -17.89 -3.59 -43.15
CA GLY D 192 -17.60 -4.62 -44.12
C GLY D 192 -17.85 -6.02 -43.64
N ARG D 193 -18.27 -6.22 -42.39
CA ARG D 193 -18.56 -7.54 -41.87
C ARG D 193 -19.70 -7.43 -40.87
N GLN D 194 -20.46 -8.52 -40.75
CA GLN D 194 -21.52 -8.62 -39.76
C GLN D 194 -20.93 -9.15 -38.46
N ALA D 195 -20.61 -8.23 -37.55
CA ALA D 195 -19.99 -8.55 -36.28
C ALA D 195 -20.34 -7.45 -35.28
N GLY D 196 -20.24 -7.77 -34.00
CA GLY D 196 -20.54 -6.81 -32.97
C GLY D 196 -21.00 -7.50 -31.70
N VAL D 197 -21.38 -6.67 -30.73
CA VAL D 197 -21.74 -7.18 -29.42
C VAL D 197 -23.12 -7.83 -29.48
N CYS D 198 -23.31 -8.91 -28.73
CA CYS D 198 -24.57 -9.65 -28.69
C CYS D 198 -24.94 -9.90 -27.25
N PHE D 199 -26.03 -10.67 -27.04
CA PHE D 199 -26.57 -10.89 -25.72
C PHE D 199 -25.52 -11.51 -24.80
N GLY D 200 -25.48 -11.05 -23.56
CA GLY D 200 -24.45 -11.45 -22.62
C GLY D 200 -23.26 -10.51 -22.58
N ASP D 201 -23.14 -9.60 -23.54
CA ASP D 201 -22.07 -8.61 -23.58
C ASP D 201 -22.43 -7.35 -22.81
N SER D 202 -23.63 -7.26 -22.26
CA SER D 202 -24.11 -6.03 -21.66
C SER D 202 -23.28 -5.68 -20.43
N GLY D 203 -22.85 -4.42 -20.33
CA GLY D 203 -22.02 -3.97 -19.25
C GLY D 203 -20.52 -4.12 -19.46
N SER D 204 -20.11 -4.89 -20.47
CA SER D 204 -18.68 -5.06 -20.74
C SER D 204 -18.09 -3.76 -21.28
N PRO D 205 -16.81 -3.52 -21.07
CA PRO D 205 -16.27 -2.20 -21.39
C PRO D 205 -16.00 -2.02 -22.88
N LEU D 206 -15.91 -0.76 -23.25
CA LEU D 206 -15.40 -0.34 -24.55
C LEU D 206 -14.09 0.35 -24.29
N VAL D 207 -12.98 -0.29 -24.64
CA VAL D 207 -11.66 0.27 -24.44
C VAL D 207 -11.31 1.12 -25.65
N CYS D 208 -10.98 2.38 -25.40
CA CYS D 208 -10.59 3.32 -26.45
C CYS D 208 -9.32 4.03 -26.02
N ASN D 209 -8.21 3.71 -26.67
CA ASN D 209 -6.90 4.25 -26.32
C ASN D 209 -6.62 4.04 -24.84
N GLY D 210 -6.87 2.81 -24.38
CA GLY D 210 -6.64 2.45 -22.99
C GLY D 210 -7.53 3.13 -21.98
N LEU D 211 -8.67 3.66 -22.39
CA LEU D 211 -9.62 4.34 -21.50
C LEU D 211 -11.00 3.76 -21.71
N ILE D 212 -11.76 3.61 -20.63
CA ILE D 212 -13.08 2.98 -20.65
C ILE D 212 -14.10 4.03 -21.08
N HIS D 213 -14.54 3.94 -22.33
CA HIS D 213 -15.41 4.94 -22.91
C HIS D 213 -16.86 4.52 -23.11
N GLY D 214 -17.16 3.22 -23.11
CA GLY D 214 -18.50 2.77 -23.39
C GLY D 214 -18.93 1.62 -22.50
N ILE D 215 -20.24 1.50 -22.33
CA ILE D 215 -20.90 0.35 -21.71
C ILE D 215 -22.02 -0.10 -22.64
N ALA D 216 -21.97 -1.37 -23.08
CA ALA D 216 -22.91 -1.86 -24.08
C ALA D 216 -24.36 -1.75 -23.61
N SER D 217 -25.12 -0.87 -24.23
CA SER D 217 -26.50 -0.63 -23.85
C SER D 217 -27.47 -1.43 -24.71
N PHE D 218 -27.56 -1.12 -26.01
CA PHE D 218 -28.60 -1.72 -26.83
C PHE D 218 -28.12 -1.87 -28.26
N VAL D 219 -28.68 -2.87 -28.95
CA VAL D 219 -28.50 -3.04 -30.38
C VAL D 219 -29.83 -2.76 -31.08
N ARG D 220 -29.76 -2.56 -32.38
CA ARG D 220 -30.98 -2.39 -33.18
C ARG D 220 -31.07 -3.51 -34.20
N GLY D 221 -32.28 -4.03 -34.37
CA GLY D 221 -32.56 -5.06 -35.35
C GLY D 221 -31.96 -6.44 -35.10
N GLY D 222 -30.93 -6.53 -34.28
CA GLY D 222 -30.26 -7.81 -34.07
C GLY D 222 -28.77 -7.61 -33.88
N CYS D 223 -28.14 -8.69 -33.41
CA CYS D 223 -26.79 -8.69 -32.86
C CYS D 223 -25.69 -8.32 -33.84
N ALA D 224 -25.42 -9.18 -34.82
CA ALA D 224 -24.44 -8.86 -35.85
C ALA D 224 -25.24 -8.53 -37.11
N SER D 225 -25.73 -7.31 -37.16
CA SER D 225 -26.57 -6.91 -38.27
C SER D 225 -25.74 -6.30 -39.38
N GLY D 226 -24.65 -5.64 -39.02
CA GLY D 226 -23.80 -4.97 -39.96
C GLY D 226 -24.33 -3.61 -40.31
N LEU D 227 -25.62 -3.41 -40.10
CA LEU D 227 -26.31 -2.14 -40.14
C LEU D 227 -26.71 -1.82 -38.72
N TYR D 228 -26.98 -0.54 -38.45
CA TYR D 228 -27.26 -0.03 -37.13
C TYR D 228 -26.04 -0.27 -36.25
N PRO D 229 -25.38 0.79 -35.80
CA PRO D 229 -24.19 0.60 -34.96
C PRO D 229 -24.57 0.17 -33.56
N ASP D 230 -23.70 -0.65 -32.96
CA ASP D 230 -23.90 -1.08 -31.59
C ASP D 230 -23.76 0.11 -30.67
N ALA D 231 -24.64 0.20 -29.67
CA ALA D 231 -24.73 1.37 -28.80
C ALA D 231 -24.09 1.06 -27.45
N PHE D 232 -23.27 1.99 -26.98
CA PHE D 232 -22.65 1.90 -25.66
C PHE D 232 -23.10 3.06 -24.78
N ALA D 233 -23.10 2.82 -23.47
CA ALA D 233 -23.40 3.90 -22.54
C ALA D 233 -22.19 4.84 -22.47
N PRO D 234 -22.41 6.14 -22.57
CA PRO D 234 -21.29 7.06 -22.74
C PRO D 234 -20.60 7.40 -21.43
N VAL D 235 -19.60 6.58 -21.07
CA VAL D 235 -18.99 6.68 -19.75
C VAL D 235 -18.47 8.08 -19.46
N ALA D 236 -17.85 8.71 -20.46
CA ALA D 236 -17.17 9.99 -20.23
C ALA D 236 -18.10 11.11 -19.80
N GLN D 237 -19.39 11.03 -20.13
CA GLN D 237 -20.34 12.04 -19.70
C GLN D 237 -20.73 11.91 -18.23
N PHE D 238 -20.33 10.83 -17.58
CA PHE D 238 -20.71 10.59 -16.19
C PHE D 238 -19.50 10.61 -15.26
N VAL D 239 -18.31 10.90 -15.78
CA VAL D 239 -17.10 10.75 -14.98
C VAL D 239 -17.19 11.57 -13.69
N ASN D 240 -17.65 12.81 -13.80
CA ASN D 240 -17.83 13.62 -12.60
C ASN D 240 -18.74 12.94 -11.59
N TRP D 241 -19.70 12.15 -12.06
CA TRP D 241 -20.57 11.42 -11.14
C TRP D 241 -19.87 10.19 -10.57
N ILE D 242 -19.13 9.44 -11.40
CA ILE D 242 -18.39 8.30 -10.87
C ILE D 242 -17.38 8.78 -9.83
N ASP D 243 -16.75 9.92 -10.08
CA ASP D 243 -15.79 10.47 -9.13
C ASP D 243 -16.44 10.85 -7.80
N SER D 244 -17.77 11.03 -7.78
CA SER D 244 -18.46 11.32 -6.54
C SER D 244 -18.72 10.06 -5.71
N ILE D 245 -18.63 8.89 -6.31
CA ILE D 245 -18.82 7.62 -5.60
C ILE D 245 -17.50 6.97 -5.22
N ILE D 246 -16.49 7.00 -6.11
CA ILE D 246 -15.25 6.29 -5.80
C ILE D 246 -14.30 7.11 -4.94
N GLN D 247 -14.55 8.39 -4.76
CA GLN D 247 -14.13 9.06 -3.52
C GLN D 247 -15.17 10.10 -3.07
N VAL E 1 -6.76 18.65 24.22
CA VAL E 1 -5.85 18.37 25.32
C VAL E 1 -4.54 19.12 25.12
N SER E 2 -4.03 19.73 26.20
CA SER E 2 -2.80 20.51 26.11
C SER E 2 -2.90 21.56 25.02
N SER E 3 -3.34 22.75 25.39
CA SER E 3 -3.53 23.85 24.43
C SER E 3 -2.33 24.11 23.55
N PRO E 4 -1.21 24.56 24.10
CA PRO E 4 -0.03 24.83 23.27
C PRO E 4 0.77 23.60 22.88
N VAL E 5 0.61 23.18 21.62
CA VAL E 5 1.39 22.09 21.02
C VAL E 5 2.78 22.66 20.72
N SER E 6 3.73 21.79 20.42
CA SER E 6 5.11 22.27 20.33
C SER E 6 5.98 21.57 19.30
N THR E 7 5.47 20.59 18.54
CA THR E 7 6.21 19.94 17.46
C THR E 7 7.50 19.27 17.94
N MET E 8 8.17 19.87 18.91
CA MET E 8 9.41 19.38 19.51
C MET E 8 10.49 19.35 18.44
N VAL F 1 27.30 19.26 -20.56
CA VAL F 1 27.48 18.17 -19.62
C VAL F 1 26.17 17.96 -18.86
N SER F 2 25.85 16.69 -18.60
CA SER F 2 24.60 16.36 -17.95
C SER F 2 24.75 15.40 -16.78
N SER F 3 25.96 14.96 -16.46
CA SER F 3 26.15 14.11 -15.28
C SER F 3 25.54 14.74 -14.03
N PRO F 4 25.61 16.07 -13.80
CA PRO F 4 24.82 16.66 -12.72
C PRO F 4 23.40 16.95 -13.17
N VAL F 5 22.39 16.35 -12.55
CA VAL F 5 21.01 16.67 -12.89
C VAL F 5 20.66 18.02 -12.27
N SER F 6 20.03 18.89 -13.06
CA SER F 6 19.85 20.28 -12.63
C SER F 6 18.64 20.47 -11.72
N THR F 7 17.71 19.52 -11.69
CA THR F 7 16.59 19.51 -10.74
C THR F 7 15.75 20.78 -10.89
N MET F 8 15.11 20.86 -12.05
CA MET F 8 14.17 21.95 -12.25
C MET F 8 13.00 21.72 -11.31
N VAL G 1 -31.85 4.54 -36.81
CA VAL G 1 -33.19 4.35 -36.28
C VAL G 1 -33.67 2.92 -36.58
N SER G 2 -34.31 2.30 -35.59
CA SER G 2 -34.85 0.94 -35.68
C SER G 2 -35.47 0.58 -34.33
N SER G 3 -35.82 -0.70 -34.16
CA SER G 3 -36.42 -1.20 -32.94
C SER G 3 -35.58 -0.74 -31.75
N PRO G 4 -36.11 0.13 -30.89
CA PRO G 4 -35.33 0.57 -29.73
C PRO G 4 -35.22 -0.47 -28.63
N VAL G 5 -35.87 -1.62 -28.80
CA VAL G 5 -35.69 -2.75 -27.90
C VAL G 5 -34.37 -3.45 -28.23
N SER G 6 -34.28 -4.74 -27.91
CA SER G 6 -33.05 -5.52 -27.99
C SER G 6 -31.95 -4.88 -27.13
N THR G 7 -32.27 -4.76 -25.84
CA THR G 7 -31.34 -4.30 -24.82
C THR G 7 -30.07 -5.13 -24.79
N MET G 8 -29.27 -5.05 -25.87
CA MET G 8 -27.98 -5.73 -25.97
C MET G 8 -28.12 -7.23 -26.10
N VAL H 1 10.74 -43.18 20.72
CA VAL H 1 11.59 -42.62 21.75
C VAL H 1 10.81 -41.60 22.57
N SER H 2 10.99 -41.63 23.90
CA SER H 2 10.27 -40.73 24.78
C SER H 2 11.26 -39.72 25.35
N SER H 3 11.89 -39.99 26.49
CA SER H 3 12.82 -39.08 27.16
C SER H 3 13.97 -38.66 26.25
N PRO H 4 14.12 -39.28 25.09
CA PRO H 4 15.12 -38.79 24.12
C PRO H 4 14.51 -37.69 23.27
N VAL H 5 13.23 -37.89 22.94
CA VAL H 5 12.43 -36.89 22.24
C VAL H 5 11.35 -37.59 21.42
N SER H 6 10.19 -36.94 21.27
CA SER H 6 9.01 -37.49 20.61
C SER H 6 8.46 -36.38 19.71
N THR H 7 9.19 -36.15 18.61
CA THR H 7 8.81 -35.15 17.61
C THR H 7 7.45 -35.45 17.01
N MET H 8 6.55 -34.50 17.15
CA MET H 8 5.20 -34.63 16.61
C MET H 8 5.17 -34.32 15.11
#